data_5ZLV
#
_entry.id   5ZLV
#
_cell.length_a   86.310
_cell.length_b   57.240
_cell.length_c   110.390
_cell.angle_alpha   90.00
_cell.angle_beta   94.74
_cell.angle_gamma   90.00
#
_symmetry.space_group_name_H-M   'P 1 21 1'
#
loop_
_entity.id
_entity.type
_entity.pdbx_description
1 polymer 'DNA polymerase IV'
2 polymer DTN2
3 polymer DTN1
4 non-polymer 'MAGNESIUM ION'
5 non-polymer 'PHOSPHATE ION'
6 non-polymer DIPHOSPHATE
7 water water
#
loop_
_entity_poly.entity_id
_entity_poly.type
_entity_poly.pdbx_seq_one_letter_code
_entity_poly.pdbx_strand_id
1 'polypeptide(L)'
;GSRKIIHVDMDCFFAAVEMRDNPALRDIPIAIGGSRERRGVISTANYPARKFGVRSAMPTGMALKLCPHLTLLPGRFDAY
KEASNHIREIFSRYTSRIEPLSLDEAYLDVTDSVHCHGSATLIAQEIRQTIFNELQLTASAGVAPVKFLAKIASDMNKPN
GQFVITPAEVPAFLQTLPLAKIPGVGKVSAAKLEAMGLRTCGDVQKCDLVMLLKRFGKFGRILWERSQGIDERDVNSERL
RKSVGVERTMAEDIHHWSECEAIIERLYPELERRLAKVKPDLLIARQGVKLKFDDFQQTTQEHVWPRLNKADLIATARKT
WDERRGGRGVRLVGLHVTLLDPQMERQLVLGL
;
F,A
2 'polydeoxyribonucleotide' (DT)(DC)(DT)(DA)(DG)(DG)(DG)(DT)(DC)(DC)(DT)(DA)(DG)(DG)(DA)(DC)(DC)(DC) G,B
3 'polydeoxyribonucleotide' (DT)(DC)(DT)(DA)(DG)(DG)(DG)(DT)(DC)(DC)(DT)(DA)(DG)(DG)(DA)(DC)(DC)(DC)(DT) H,C
#
# COMPACT_ATOMS: atom_id res chain seq x y z
N GLY A 1 -14.16 41.72 -16.29
CA GLY A 1 -14.06 41.33 -14.89
C GLY A 1 -12.74 40.68 -14.52
N SER A 2 -11.72 40.88 -15.34
CA SER A 2 -10.45 40.21 -15.14
C SER A 2 -9.60 40.94 -14.10
N ARG A 3 -9.16 40.21 -13.07
CA ARG A 3 -8.27 40.74 -12.04
C ARG A 3 -6.82 40.70 -12.50
N LYS A 4 -5.98 41.44 -11.79
CA LYS A 4 -4.53 41.42 -12.00
C LYS A 4 -3.87 41.01 -10.70
N ILE A 5 -3.30 39.80 -10.68
CA ILE A 5 -2.63 39.25 -9.50
C ILE A 5 -1.12 39.24 -9.73
N ILE A 6 -0.37 39.72 -8.75
CA ILE A 6 1.08 39.68 -8.77
C ILE A 6 1.54 38.67 -7.73
N HIS A 7 2.47 37.81 -8.11
CA HIS A 7 3.19 37.00 -7.14
C HIS A 7 4.63 37.47 -7.14
N VAL A 8 5.14 37.88 -5.97
CA VAL A 8 6.51 38.32 -5.78
C VAL A 8 7.24 37.27 -4.95
N ASP A 9 8.47 36.94 -5.33
CA ASP A 9 9.20 35.80 -4.75
C ASP A 9 10.68 36.16 -4.72
N MET A 10 11.28 36.18 -3.54
CA MET A 10 12.69 36.50 -3.41
C MET A 10 13.55 35.37 -3.98
N ASP A 11 14.69 35.74 -4.59
CA ASP A 11 15.61 34.77 -5.17
C ASP A 11 16.55 34.19 -4.10
N CYS A 12 16.55 32.87 -3.97
CA CYS A 12 17.42 32.13 -3.04
C CYS A 12 17.48 32.82 -1.69
N PHE A 13 16.30 33.04 -1.11
CA PHE A 13 16.12 34.06 -0.07
C PHE A 13 17.19 33.97 1.03
N PHE A 14 17.26 32.86 1.76
CA PHE A 14 18.22 32.79 2.87
C PHE A 14 19.64 32.97 2.38
N ALA A 15 19.98 32.30 1.28
CA ALA A 15 21.33 32.44 0.72
C ALA A 15 21.61 33.88 0.28
N ALA A 16 20.65 34.53 -0.38
CA ALA A 16 20.87 35.89 -0.87
C ALA A 16 21.20 36.85 0.26
N VAL A 17 20.58 36.63 1.41
CA VAL A 17 20.84 37.48 2.58
C VAL A 17 22.24 37.23 3.10
N GLU A 18 22.70 35.97 3.09
CA GLU A 18 24.04 35.67 3.59
C GLU A 18 25.10 36.29 2.69
N MET A 19 24.86 36.31 1.38
CA MET A 19 25.82 36.91 0.46
C MET A 19 25.84 38.43 0.56
N ARG A 20 24.66 39.06 0.59
CA ARG A 20 24.61 40.50 0.85
C ARG A 20 25.41 40.85 2.08
N ASP A 21 25.20 40.12 3.18
CA ASP A 21 25.81 40.41 4.46
C ASP A 21 27.25 39.93 4.59
N ASN A 22 27.71 39.07 3.68
CA ASN A 22 29.10 38.61 3.67
C ASN A 22 29.48 38.33 2.23
N PRO A 23 29.98 39.33 1.52
CA PRO A 23 30.25 39.15 0.09
C PRO A 23 31.27 38.05 -0.21
N ALA A 24 32.00 37.57 0.79
CA ALA A 24 32.93 36.47 0.54
C ALA A 24 32.20 35.21 0.11
N LEU A 25 30.90 35.11 0.36
CA LEU A 25 30.13 33.94 -0.02
C LEU A 25 29.52 34.02 -1.42
N ARG A 26 29.73 35.13 -2.12
CA ARG A 26 28.97 35.40 -3.35
C ARG A 26 29.23 34.35 -4.43
N ASP A 27 30.48 33.94 -4.62
CA ASP A 27 30.82 33.11 -5.76
C ASP A 27 31.30 31.72 -5.39
N ILE A 28 31.16 31.31 -4.13
CA ILE A 28 31.44 29.93 -3.76
C ILE A 28 30.12 29.24 -3.44
N PRO A 29 30.02 27.91 -3.55
CA PRO A 29 28.76 27.22 -3.26
C PRO A 29 28.43 27.22 -1.78
N ILE A 30 27.31 27.86 -1.42
CA ILE A 30 26.87 27.96 -0.03
C ILE A 30 25.47 27.40 0.13
N ALA A 31 25.12 27.10 1.38
CA ALA A 31 23.80 26.57 1.64
C ALA A 31 23.48 26.76 3.12
N ILE A 32 22.24 27.13 3.40
CA ILE A 32 21.74 27.13 4.77
C ILE A 32 21.16 25.76 5.05
N GLY A 33 21.66 25.09 6.09
CA GLY A 33 21.10 23.80 6.47
C GLY A 33 21.85 23.22 7.66
N GLY A 34 21.21 22.23 8.29
CA GLY A 34 21.87 21.48 9.35
C GLY A 34 22.99 20.61 8.82
N SER A 35 23.94 20.34 9.70
CA SER A 35 25.14 19.63 9.31
C SER A 35 24.85 18.14 9.14
N ARG A 36 25.81 17.45 8.52
CA ARG A 36 25.69 16.01 8.35
C ARG A 36 25.67 15.31 9.70
N GLU A 37 26.47 15.79 10.65
CA GLU A 37 26.44 15.23 12.00
C GLU A 37 25.10 15.48 12.68
N ARG A 38 24.45 16.61 12.38
CA ARG A 38 23.14 16.91 12.94
C ARG A 38 22.02 16.20 12.20
N ARG A 39 22.35 15.40 11.18
CA ARG A 39 21.36 14.74 10.33
C ARG A 39 20.43 15.76 9.65
N GLY A 40 21.00 16.87 9.19
CA GLY A 40 20.21 17.98 8.70
C GLY A 40 19.88 17.90 7.22
N VAL A 41 19.10 18.88 6.77
CA VAL A 41 18.77 19.01 5.36
C VAL A 41 19.10 20.43 4.91
N ILE A 42 19.07 20.62 3.60
CA ILE A 42 19.37 21.91 3.01
C ILE A 42 18.07 22.72 3.03
N SER A 43 18.11 23.89 3.67
CA SER A 43 16.99 24.83 3.59
C SER A 43 16.98 25.51 2.23
N THR A 44 18.13 26.02 1.81
CA THR A 44 18.27 26.59 0.48
C THR A 44 19.75 26.72 0.15
N ALA A 45 20.03 27.06 -1.10
CA ALA A 45 21.40 27.17 -1.57
C ALA A 45 21.49 28.25 -2.64
N ASN A 46 22.70 28.73 -2.88
CA ASN A 46 22.91 29.75 -3.87
C ASN A 46 23.08 29.12 -5.25
N TYR A 47 23.24 29.94 -6.29
CA TYR A 47 23.30 29.34 -7.62
C TYR A 47 24.58 28.55 -7.84
N PRO A 48 25.74 28.98 -7.33
CA PRO A 48 26.92 28.11 -7.47
C PRO A 48 26.74 26.73 -6.84
N ALA A 49 25.91 26.58 -5.80
CA ALA A 49 25.71 25.24 -5.25
C ALA A 49 24.66 24.47 -6.02
N ARG A 50 23.60 25.14 -6.46
CA ARG A 50 22.57 24.47 -7.26
C ARG A 50 23.14 23.92 -8.55
N LYS A 51 24.17 24.58 -9.11
CA LYS A 51 24.86 24.02 -10.27
C LYS A 51 25.26 22.57 -10.06
N PHE A 52 25.65 22.21 -8.84
CA PHE A 52 26.09 20.86 -8.50
C PHE A 52 24.95 19.89 -8.24
N GLY A 53 23.69 20.36 -8.23
CA GLY A 53 22.56 19.53 -7.88
C GLY A 53 21.94 19.81 -6.52
N VAL A 54 22.54 20.69 -5.71
CA VAL A 54 22.05 20.96 -4.38
C VAL A 54 20.68 21.65 -4.44
N ARG A 55 19.71 21.09 -3.72
CA ARG A 55 18.32 21.57 -3.74
C ARG A 55 17.77 21.65 -2.32
N SER A 56 16.76 22.49 -2.15
CA SER A 56 15.99 22.53 -0.91
C SER A 56 15.42 21.15 -0.59
N ALA A 57 15.39 20.81 0.70
CA ALA A 57 14.93 19.53 1.26
C ALA A 57 15.89 18.37 1.02
N MET A 58 17.04 18.59 0.41
CA MET A 58 17.95 17.48 0.21
C MET A 58 18.68 17.16 1.52
N PRO A 59 18.80 15.89 1.87
CA PRO A 59 19.67 15.52 3.01
C PRO A 59 21.08 16.07 2.80
N THR A 60 21.64 16.64 3.87
CA THR A 60 22.92 17.33 3.76
C THR A 60 24.04 16.38 3.33
N GLY A 61 23.99 15.13 3.78
CA GLY A 61 24.92 14.13 3.27
C GLY A 61 24.89 14.03 1.75
N MET A 62 23.70 14.00 1.17
CA MET A 62 23.60 14.00 -0.29
C MET A 62 24.14 15.30 -0.89
N ALA A 63 23.82 16.45 -0.28
CA ALA A 63 24.35 17.72 -0.76
C ALA A 63 25.87 17.72 -0.78
N LEU A 64 26.48 17.13 0.24
CA LEU A 64 27.93 17.16 0.35
C LEU A 64 28.60 16.20 -0.61
N LYS A 65 27.93 15.09 -0.96
CA LYS A 65 28.50 14.17 -1.93
C LYS A 65 28.44 14.79 -3.33
N LEU A 66 27.33 15.47 -3.63
CA LEU A 66 27.22 16.18 -4.90
C LEU A 66 28.15 17.39 -4.95
N CYS A 67 28.40 18.05 -3.82
CA CYS A 67 29.18 19.30 -3.80
C CYS A 67 30.11 19.31 -2.59
N PRO A 68 31.26 18.65 -2.68
CA PRO A 68 32.12 18.49 -1.50
C PRO A 68 32.61 19.80 -0.87
N HIS A 69 32.64 20.91 -1.60
CA HIS A 69 33.12 22.18 -1.07
C HIS A 69 31.99 23.08 -0.57
N LEU A 70 30.76 22.56 -0.51
CA LEU A 70 29.63 23.35 0.00
C LEU A 70 29.99 23.96 1.34
N THR A 71 29.82 25.27 1.46
CA THR A 71 29.94 25.94 2.75
C THR A 71 28.56 26.00 3.40
N LEU A 72 28.47 25.45 4.61
CA LEU A 72 27.21 25.20 5.29
C LEU A 72 26.99 26.27 6.36
N LEU A 73 25.91 27.02 6.24
CA LEU A 73 25.60 28.08 7.20
C LEU A 73 24.44 27.67 8.08
N PRO A 74 24.40 28.17 9.31
CA PRO A 74 23.35 27.73 10.24
C PRO A 74 22.03 28.49 10.11
N GLY A 75 22.02 29.69 9.55
CA GLY A 75 20.77 30.41 9.46
C GLY A 75 20.60 31.52 10.48
N ARG A 76 20.28 32.73 10.01
CA ARG A 76 20.09 33.89 10.86
C ARG A 76 18.64 34.37 10.67
N PHE A 77 17.71 33.79 11.44
CA PHE A 77 16.30 34.01 11.12
C PHE A 77 15.84 35.44 11.43
N ASP A 78 16.48 36.13 12.37
CA ASP A 78 16.15 37.54 12.56
C ASP A 78 16.50 38.38 11.32
N ALA A 79 17.61 38.05 10.65
CA ALA A 79 17.96 38.78 9.44
C ALA A 79 16.94 38.52 8.33
N TYR A 80 16.41 37.30 8.25
CA TYR A 80 15.44 37.01 7.21
C TYR A 80 14.10 37.64 7.55
N LYS A 81 13.69 37.58 8.82
CA LYS A 81 12.46 38.24 9.24
C LYS A 81 12.55 39.75 8.97
N GLU A 82 13.73 40.33 9.14
CA GLU A 82 13.91 41.74 8.90
C GLU A 82 13.65 42.07 7.43
N ALA A 83 14.28 41.33 6.53
CA ALA A 83 14.10 41.59 5.11
C ALA A 83 12.66 41.34 4.70
N SER A 84 12.04 40.31 5.28
CA SER A 84 10.64 40.01 4.98
C SER A 84 9.75 41.18 5.36
N ASN A 85 9.97 41.76 6.54
CA ASN A 85 9.14 42.90 6.93
C ASN A 85 9.28 44.02 5.92
N HIS A 86 10.51 44.28 5.48
CA HIS A 86 10.79 45.40 4.60
C HIS A 86 10.10 45.22 3.24
N ILE A 87 10.12 44.00 2.70
CA ILE A 87 9.45 43.82 1.41
C ILE A 87 7.93 43.94 1.56
N ARG A 88 7.36 43.52 2.69
CA ARG A 88 5.93 43.68 2.88
C ARG A 88 5.56 45.15 3.01
N GLU A 89 6.43 45.95 3.64
CA GLU A 89 6.17 47.38 3.69
C GLU A 89 6.31 48.00 2.30
N ILE A 90 7.23 47.47 1.50
CA ILE A 90 7.32 47.91 0.11
C ILE A 90 6.08 47.53 -0.67
N PHE A 91 5.52 46.34 -0.39
CA PHE A 91 4.27 45.96 -1.05
C PHE A 91 3.17 46.96 -0.68
N SER A 92 3.12 47.37 0.60
CA SER A 92 2.04 48.24 1.08
C SER A 92 2.05 49.62 0.45
N ARG A 93 3.20 50.07 -0.09
CA ARG A 93 3.20 51.34 -0.82
C ARG A 93 2.33 51.28 -2.06
N TYR A 94 2.00 50.08 -2.55
CA TYR A 94 1.30 49.90 -3.82
C TYR A 94 -0.13 49.42 -3.68
N THR A 95 -0.43 48.70 -2.59
CA THR A 95 -1.76 48.19 -2.31
C THR A 95 -1.77 47.61 -0.91
N SER A 96 -2.95 47.66 -0.27
CA SER A 96 -3.22 46.94 0.95
C SER A 96 -3.67 45.51 0.70
N ARG A 97 -3.95 45.15 -0.55
CA ARG A 97 -4.34 43.80 -0.92
C ARG A 97 -3.08 42.93 -1.01
N ILE A 98 -2.53 42.58 0.16
CA ILE A 98 -1.30 41.79 0.29
C ILE A 98 -1.59 40.53 1.07
N GLU A 99 -1.34 39.38 0.47
CA GLU A 99 -1.44 38.11 1.20
C GLU A 99 -0.08 37.40 1.21
N PRO A 100 0.72 37.56 2.24
CA PRO A 100 2.00 36.83 2.30
C PRO A 100 1.73 35.34 2.47
N LEU A 101 2.59 34.51 1.85
CA LEU A 101 2.46 33.06 1.97
C LEU A 101 3.56 32.42 2.79
N SER A 102 4.68 33.11 2.98
CA SER A 102 5.80 32.67 3.79
C SER A 102 6.67 33.91 3.96
N LEU A 103 7.89 33.76 4.49
CA LEU A 103 8.67 34.97 4.72
C LEU A 103 8.88 35.76 3.44
N ASP A 104 9.14 35.06 2.33
CA ASP A 104 9.76 35.70 1.17
C ASP A 104 8.84 35.85 -0.02
N GLU A 105 7.54 35.56 0.12
CA GLU A 105 6.64 35.71 -1.03
C GLU A 105 5.29 36.23 -0.56
N ALA A 106 4.53 36.74 -1.53
CA ALA A 106 3.21 37.29 -1.25
C ALA A 106 2.45 37.43 -2.55
N TYR A 107 1.13 37.31 -2.46
CA TYR A 107 0.23 37.72 -3.53
C TYR A 107 -0.14 39.18 -3.35
N LEU A 108 -0.37 39.85 -4.47
CA LEU A 108 -0.89 41.21 -4.50
C LEU A 108 -2.04 41.23 -5.50
N ASP A 109 -3.13 41.89 -5.11
CA ASP A 109 -4.23 42.19 -6.02
C ASP A 109 -4.13 43.67 -6.36
N VAL A 110 -3.72 43.97 -7.60
CA VAL A 110 -3.56 45.36 -8.04
C VAL A 110 -4.59 45.70 -9.11
N THR A 111 -5.68 44.93 -9.17
CA THR A 111 -6.78 45.22 -10.07
C THR A 111 -7.25 46.68 -9.94
N ASP A 112 -7.41 47.15 -8.71
CA ASP A 112 -7.90 48.49 -8.44
C ASP A 112 -6.76 49.46 -8.13
N SER A 113 -5.56 49.20 -8.65
CA SER A 113 -4.44 50.07 -8.35
C SER A 113 -4.27 51.14 -9.43
N VAL A 114 -3.85 52.32 -8.98
CA VAL A 114 -3.67 53.46 -9.87
C VAL A 114 -2.22 53.74 -10.18
N HIS A 115 -1.28 53.01 -9.56
CA HIS A 115 0.13 53.18 -9.90
C HIS A 115 0.41 52.69 -11.31
N CYS A 116 1.45 53.25 -11.93
CA CYS A 116 1.97 52.82 -13.23
C CYS A 116 0.87 52.66 -14.27
N HIS A 117 -0.04 53.64 -14.30
CA HIS A 117 -1.17 53.65 -15.24
C HIS A 117 -1.92 52.33 -15.22
N GLY A 118 -2.04 51.75 -14.03
CA GLY A 118 -2.72 50.47 -13.87
C GLY A 118 -2.01 49.26 -14.45
N SER A 119 -0.80 49.43 -14.98
CA SER A 119 -0.05 48.29 -15.52
C SER A 119 0.41 47.39 -14.38
N ALA A 120 -0.13 46.18 -14.31
CA ALA A 120 0.40 45.22 -13.35
C ALA A 120 1.83 44.84 -13.72
N THR A 121 2.15 44.77 -15.01
CA THR A 121 3.51 44.47 -15.45
C THR A 121 4.49 45.52 -14.93
N LEU A 122 4.11 46.80 -14.98
CA LEU A 122 5.03 47.85 -14.55
C LEU A 122 5.11 47.95 -13.04
N ILE A 123 4.04 47.57 -12.35
CA ILE A 123 4.05 47.58 -10.89
C ILE A 123 5.00 46.51 -10.37
N ALA A 124 4.89 45.29 -10.89
CA ALA A 124 5.79 44.23 -10.49
C ALA A 124 7.24 44.64 -10.74
N GLN A 125 7.49 45.29 -11.87
CA GLN A 125 8.85 45.75 -12.17
C GLN A 125 9.30 46.82 -11.17
N GLU A 126 8.40 47.74 -10.81
CA GLU A 126 8.79 48.77 -9.86
C GLU A 126 9.08 48.17 -8.48
N ILE A 127 8.30 47.16 -8.11
CA ILE A 127 8.50 46.51 -6.83
C ILE A 127 9.83 45.77 -6.80
N ARG A 128 10.15 45.03 -7.86
CA ARG A 128 11.44 44.31 -7.87
C ARG A 128 12.60 45.28 -7.84
N GLN A 129 12.48 46.41 -8.54
CA GLN A 129 13.55 47.39 -8.54
C GLN A 129 13.67 48.08 -7.19
N THR A 130 12.51 48.39 -6.57
CA THR A 130 12.50 48.98 -5.25
C THR A 130 12.99 48.00 -4.19
N ILE A 131 12.89 46.70 -4.42
CA ILE A 131 13.45 45.74 -3.47
C ILE A 131 14.96 45.66 -3.64
N PHE A 132 15.46 45.70 -4.87
CA PHE A 132 16.90 45.70 -5.06
C PHE A 132 17.52 46.97 -4.46
N ASN A 133 16.90 48.13 -4.66
CA ASN A 133 17.55 49.39 -4.28
C ASN A 133 17.75 49.51 -2.78
N GLU A 134 16.77 49.05 -1.99
CA GLU A 134 16.73 49.25 -0.53
C GLU A 134 17.11 48.01 0.28
N LEU A 135 17.08 46.82 -0.32
CA LEU A 135 17.55 45.65 0.40
C LEU A 135 18.75 44.97 -0.23
N GLN A 136 19.18 45.39 -1.42
CA GLN A 136 20.30 44.75 -2.14
C GLN A 136 20.07 43.25 -2.30
N LEU A 137 18.80 42.88 -2.42
CA LEU A 137 18.38 41.54 -2.76
C LEU A 137 17.48 41.63 -3.98
N THR A 138 17.51 40.59 -4.81
CA THR A 138 16.70 40.56 -6.02
C THR A 138 15.48 39.70 -5.81
N ALA A 139 14.48 39.95 -6.65
CA ALA A 139 13.22 39.24 -6.55
C ALA A 139 12.73 39.00 -7.97
N SER A 140 11.92 37.97 -8.11
CA SER A 140 11.21 37.70 -9.35
C SER A 140 9.72 37.91 -9.07
N ALA A 141 8.95 38.03 -10.16
CA ALA A 141 7.52 38.21 -10.06
C ALA A 141 6.79 37.45 -11.15
N GLY A 142 5.51 37.21 -10.89
CA GLY A 142 4.59 36.71 -11.91
C GLY A 142 3.34 37.49 -11.90
N VAL A 143 2.82 37.81 -13.10
CA VAL A 143 1.55 38.49 -13.28
C VAL A 143 0.62 37.57 -14.05
N ALA A 144 -0.63 37.48 -13.59
CA ALA A 144 -1.62 36.57 -14.16
C ALA A 144 -2.99 37.00 -13.67
N PRO A 145 -4.08 36.44 -14.21
CA PRO A 145 -5.41 36.84 -13.77
C PRO A 145 -5.92 36.10 -12.55
N VAL A 146 -5.17 35.11 -12.04
CA VAL A 146 -5.58 34.29 -10.90
C VAL A 146 -4.33 33.89 -10.14
N LYS A 147 -4.52 33.51 -8.87
CA LYS A 147 -3.42 33.25 -7.94
C LYS A 147 -2.43 32.22 -8.47
N PHE A 148 -2.90 31.01 -8.78
CA PHE A 148 -1.95 29.93 -9.00
C PHE A 148 -1.10 30.18 -10.24
N LEU A 149 -1.70 30.79 -11.28
CA LEU A 149 -0.97 31.13 -12.50
C LEU A 149 0.08 32.19 -12.23
N ALA A 150 -0.23 33.16 -11.36
CA ALA A 150 0.76 34.18 -11.06
C ALA A 150 1.93 33.60 -10.31
N LYS A 151 1.68 32.56 -9.50
CA LYS A 151 2.74 31.96 -8.71
C LYS A 151 3.59 31.02 -9.56
N ILE A 152 2.95 30.31 -10.49
CA ILE A 152 3.74 29.57 -11.47
C ILE A 152 4.59 30.55 -12.29
N ALA A 153 3.98 31.67 -12.70
CA ALA A 153 4.69 32.63 -13.55
C ALA A 153 5.94 33.18 -12.86
N SER A 154 5.91 33.41 -11.54
CA SER A 154 7.06 34.04 -10.92
C SER A 154 8.26 33.09 -10.85
N ASP A 155 8.04 31.79 -11.03
CA ASP A 155 9.12 30.82 -11.04
C ASP A 155 9.79 30.70 -12.40
N MET A 156 9.14 31.18 -13.47
CA MET A 156 9.57 30.83 -14.82
C MET A 156 10.75 31.64 -15.30
N ASN A 157 10.87 32.88 -14.85
CA ASN A 157 11.89 33.78 -15.32
C ASN A 157 12.73 34.28 -14.17
N LYS A 158 12.99 33.43 -13.18
CA LYS A 158 13.91 33.78 -12.10
C LYS A 158 15.32 33.28 -12.42
N PRO A 159 16.35 33.86 -11.79
CA PRO A 159 16.37 34.96 -10.81
C PRO A 159 16.29 36.35 -11.44
N ASN A 160 15.75 37.32 -10.69
CA ASN A 160 15.72 38.72 -11.11
C ASN A 160 15.08 38.90 -12.50
N GLY A 161 13.84 38.44 -12.59
CA GLY A 161 13.04 38.58 -13.80
C GLY A 161 11.58 38.35 -13.46
N GLN A 162 10.74 38.47 -14.48
CA GLN A 162 9.32 38.21 -14.28
C GLN A 162 8.71 37.65 -15.55
N PHE A 163 7.43 37.28 -15.44
CA PHE A 163 6.70 36.64 -16.51
C PHE A 163 5.23 36.99 -16.39
N VAL A 164 4.59 37.30 -17.53
CA VAL A 164 3.21 37.74 -17.58
C VAL A 164 2.38 36.74 -18.38
N ILE A 165 1.20 36.42 -17.87
CA ILE A 165 0.23 35.60 -18.57
C ILE A 165 -1.05 36.40 -18.71
N THR A 166 -1.38 36.80 -19.93
CA THR A 166 -2.62 37.48 -20.24
C THR A 166 -3.73 36.47 -20.46
N PRO A 167 -5.00 36.88 -20.36
CA PRO A 167 -6.09 35.90 -20.53
C PRO A 167 -6.03 35.18 -21.87
N ALA A 168 -5.68 35.88 -22.94
CA ALA A 168 -5.52 35.24 -24.24
C ALA A 168 -4.45 34.13 -24.21
N GLU A 169 -3.49 34.22 -23.30
CA GLU A 169 -2.43 33.23 -23.30
C GLU A 169 -2.71 32.01 -22.42
N VAL A 170 -3.72 32.03 -21.55
CA VAL A 170 -3.78 30.95 -20.56
C VAL A 170 -4.12 29.59 -21.18
N PRO A 171 -4.99 29.47 -22.20
CA PRO A 171 -5.24 28.11 -22.71
C PRO A 171 -4.01 27.45 -23.35
N ALA A 172 -3.19 28.19 -24.09
CA ALA A 172 -1.96 27.60 -24.60
C ALA A 172 -1.03 27.27 -23.45
N PHE A 173 -0.96 28.15 -22.45
CA PHE A 173 -0.12 27.88 -21.29
C PHE A 173 -0.54 26.61 -20.57
N LEU A 174 -1.85 26.40 -20.40
CA LEU A 174 -2.32 25.26 -19.60
C LEU A 174 -2.11 23.93 -20.29
N GLN A 175 -2.14 23.94 -21.63
CA GLN A 175 -2.27 22.69 -22.40
C GLN A 175 -1.14 21.72 -22.11
N THR A 176 0.07 22.22 -21.87
CA THR A 176 1.22 21.36 -21.59
C THR A 176 1.81 21.60 -20.21
N LEU A 177 1.18 22.43 -19.39
CA LEU A 177 1.59 22.65 -18.02
C LEU A 177 1.55 21.36 -17.23
N PRO A 178 2.68 20.85 -16.73
CA PRO A 178 2.62 19.66 -15.89
C PRO A 178 1.79 19.92 -14.65
N LEU A 179 0.94 18.95 -14.33
CA LEU A 179 0.13 19.05 -13.11
C LEU A 179 0.97 19.38 -11.90
N ALA A 180 2.17 18.77 -11.79
CA ALA A 180 3.00 18.94 -10.61
C ALA A 180 3.40 20.39 -10.36
N LYS A 181 3.27 21.26 -11.36
CA LYS A 181 3.60 22.67 -11.19
C LYS A 181 2.51 23.46 -10.48
N ILE A 182 1.30 22.92 -10.37
CA ILE A 182 0.23 23.62 -9.62
C ILE A 182 0.56 23.57 -8.13
N PRO A 183 0.59 24.70 -7.44
CA PRO A 183 0.85 24.66 -6.00
C PRO A 183 -0.25 23.87 -5.30
N GLY A 184 0.14 22.83 -4.58
CA GLY A 184 -0.80 21.94 -3.93
C GLY A 184 -0.87 20.56 -4.53
N VAL A 185 -0.43 20.40 -5.78
CA VAL A 185 -0.24 19.09 -6.36
C VAL A 185 1.21 18.71 -6.11
N GLY A 186 1.44 17.77 -5.19
CA GLY A 186 2.77 17.38 -4.76
C GLY A 186 3.21 16.06 -5.37
N LYS A 187 4.26 15.49 -4.79
CA LYS A 187 4.88 14.29 -5.36
C LYS A 187 3.91 13.11 -5.38
N VAL A 188 3.21 12.89 -4.27
CA VAL A 188 2.31 11.74 -4.18
C VAL A 188 1.20 11.86 -5.22
N SER A 189 0.54 13.02 -5.24
CA SER A 189 -0.58 13.24 -6.16
C SER A 189 -0.11 13.20 -7.61
N ALA A 190 1.00 13.85 -7.91
CA ALA A 190 1.51 13.79 -9.28
C ALA A 190 1.76 12.36 -9.72
N ALA A 191 2.22 11.50 -8.80
CA ALA A 191 2.51 10.12 -9.16
C ALA A 191 1.22 9.32 -9.38
N LYS A 192 0.21 9.55 -8.52
CA LYS A 192 -1.13 9.01 -8.79
C LYS A 192 -1.66 9.47 -10.13
N LEU A 193 -1.63 10.79 -10.38
CA LEU A 193 -2.16 11.33 -11.63
C LEU A 193 -1.41 10.77 -12.83
N GLU A 194 -0.07 10.71 -12.73
CA GLU A 194 0.73 10.05 -13.75
C GLU A 194 0.29 8.62 -13.99
N ALA A 195 0.01 7.87 -12.93
CA ALA A 195 -0.24 6.45 -13.11
C ALA A 195 -1.55 6.15 -13.79
N MET A 196 -2.37 7.16 -14.07
CA MET A 196 -3.57 6.98 -14.90
C MET A 196 -3.54 7.85 -16.14
N GLY A 197 -2.35 8.27 -16.59
CA GLY A 197 -2.25 8.97 -17.85
C GLY A 197 -2.53 10.45 -17.79
N LEU A 198 -2.44 11.04 -16.63
CA LEU A 198 -2.70 12.46 -16.42
C LEU A 198 -1.38 13.12 -16.02
N ARG A 199 -0.81 13.86 -16.93
CA ARG A 199 0.46 14.52 -16.67
C ARG A 199 0.36 16.02 -16.71
N THR A 200 -0.44 16.55 -17.62
CA THR A 200 -0.58 17.97 -17.85
C THR A 200 -2.04 18.40 -17.63
N CYS A 201 -2.25 19.71 -17.54
CA CYS A 201 -3.61 20.21 -17.43
C CYS A 201 -4.42 19.86 -18.67
N GLY A 202 -3.77 19.85 -19.83
CA GLY A 202 -4.44 19.41 -21.04
C GLY A 202 -5.05 18.03 -20.91
N ASP A 203 -4.32 17.10 -20.28
CA ASP A 203 -4.87 15.78 -19.99
C ASP A 203 -6.11 15.86 -19.12
N VAL A 204 -6.08 16.73 -18.10
CA VAL A 204 -7.18 16.75 -17.15
C VAL A 204 -8.42 17.38 -17.77
N GLN A 205 -8.24 18.30 -18.72
CA GLN A 205 -9.40 18.90 -19.40
C GLN A 205 -10.23 17.84 -20.12
N LYS A 206 -9.59 16.76 -20.56
CA LYS A 206 -10.27 15.65 -21.20
C LYS A 206 -10.95 14.72 -20.20
N CYS A 207 -11.01 15.12 -18.94
CA CYS A 207 -11.54 14.29 -17.86
C CYS A 207 -12.85 14.88 -17.35
N ASP A 208 -13.71 13.98 -16.90
CA ASP A 208 -15.01 14.36 -16.38
C ASP A 208 -14.91 14.71 -14.91
N LEU A 209 -15.54 15.84 -14.55
CA LEU A 209 -15.57 16.30 -13.17
C LEU A 209 -16.14 15.24 -12.23
N VAL A 210 -17.22 14.57 -12.63
CA VAL A 210 -17.82 13.56 -11.76
C VAL A 210 -16.81 12.47 -11.44
N MET A 211 -16.05 12.03 -12.45
CA MET A 211 -15.01 11.05 -12.20
C MET A 211 -13.97 11.58 -11.22
N LEU A 212 -13.45 12.78 -11.48
CA LEU A 212 -12.43 13.35 -10.61
C LEU A 212 -12.92 13.50 -9.18
N LEU A 213 -14.20 13.84 -9.00
CA LEU A 213 -14.74 14.01 -7.66
C LEU A 213 -14.75 12.69 -6.90
N LYS A 214 -15.23 11.63 -7.55
CA LYS A 214 -15.25 10.32 -6.92
C LYS A 214 -13.85 9.88 -6.54
N ARG A 215 -12.91 10.04 -7.46
CA ARG A 215 -11.55 9.54 -7.34
C ARG A 215 -10.65 10.40 -6.48
N PHE A 216 -11.08 11.59 -6.09
CA PHE A 216 -10.18 12.51 -5.39
C PHE A 216 -10.87 13.40 -4.39
N GLY A 217 -12.20 13.38 -4.28
CA GLY A 217 -12.88 14.27 -3.36
C GLY A 217 -12.75 15.71 -3.82
N LYS A 218 -12.81 16.62 -2.85
CA LYS A 218 -12.69 18.04 -3.18
C LYS A 218 -11.39 18.33 -3.93
N PHE A 219 -10.36 17.50 -3.75
CA PHE A 219 -9.14 17.69 -4.52
C PHE A 219 -9.42 17.57 -6.02
N GLY A 220 -10.31 16.65 -6.39
CA GLY A 220 -10.64 16.49 -7.80
C GLY A 220 -11.29 17.72 -8.41
N ARG A 221 -12.20 18.36 -7.67
CA ARG A 221 -12.73 19.64 -8.12
C ARG A 221 -11.61 20.65 -8.35
N ILE A 222 -10.69 20.77 -7.39
CA ILE A 222 -9.60 21.73 -7.55
C ILE A 222 -8.80 21.42 -8.81
N LEU A 223 -8.50 20.14 -9.03
CA LEU A 223 -7.79 19.72 -10.23
C LEU A 223 -8.56 20.10 -11.48
N TRP A 224 -9.83 19.74 -11.54
CA TRP A 224 -10.66 20.08 -12.69
C TRP A 224 -10.66 21.58 -12.95
N GLU A 225 -10.73 22.40 -11.89
CA GLU A 225 -10.81 23.84 -12.10
C GLU A 225 -9.47 24.41 -12.54
N ARG A 226 -8.41 24.14 -11.77
CA ARG A 226 -7.09 24.65 -12.12
C ARG A 226 -6.69 24.28 -13.54
N SER A 227 -7.12 23.10 -14.03
CA SER A 227 -6.72 22.71 -15.37
C SER A 227 -7.39 23.57 -16.43
N GLN A 228 -8.33 24.43 -16.06
CA GLN A 228 -8.96 25.34 -17.01
C GLN A 228 -8.68 26.79 -16.71
N GLY A 229 -7.69 27.06 -15.84
CA GLY A 229 -7.42 28.40 -15.42
C GLY A 229 -8.34 28.94 -14.35
N ILE A 230 -9.27 28.12 -13.83
CA ILE A 230 -10.25 28.60 -12.86
C ILE A 230 -9.62 28.58 -11.49
N ASP A 231 -9.53 29.77 -10.87
CA ASP A 231 -9.00 29.89 -9.53
C ASP A 231 -9.55 31.20 -8.97
N GLU A 232 -10.73 31.12 -8.36
CA GLU A 232 -11.41 32.32 -7.89
C GLU A 232 -11.04 32.68 -6.46
N ARG A 233 -9.99 32.10 -5.90
CA ARG A 233 -9.59 32.42 -4.54
C ARG A 233 -9.14 33.89 -4.45
N ASP A 234 -9.71 34.61 -3.49
CA ASP A 234 -9.40 36.02 -3.33
C ASP A 234 -8.08 36.19 -2.58
N VAL A 235 -7.38 37.29 -2.89
CA VAL A 235 -6.21 37.65 -2.09
C VAL A 235 -6.71 38.15 -0.74
N ASN A 236 -6.33 37.44 0.32
CA ASN A 236 -6.95 37.64 1.61
C ASN A 236 -6.51 38.94 2.27
N SER A 237 -5.34 38.90 2.92
CA SER A 237 -4.68 39.97 3.67
C SER A 237 -5.04 39.97 5.15
N GLU A 238 -5.96 39.12 5.59
CA GLU A 238 -6.40 39.07 6.99
C GLU A 238 -6.12 37.71 7.65
N ARG A 239 -5.22 36.91 7.09
CA ARG A 239 -4.95 35.60 7.64
C ARG A 239 -4.11 35.70 8.89
N LEU A 240 -4.32 34.76 9.80
CA LEU A 240 -3.73 34.79 11.14
C LEU A 240 -3.14 33.43 11.48
N ARG A 241 -2.07 33.46 12.27
CA ARG A 241 -1.45 32.21 12.70
C ARG A 241 -2.37 31.40 13.61
N LYS A 242 -2.36 30.09 13.43
CA LYS A 242 -3.23 29.19 14.18
C LYS A 242 -2.49 28.28 15.15
N SER A 243 -1.18 28.21 15.10
CA SER A 243 -0.46 27.27 15.95
C SER A 243 0.99 27.71 16.07
N VAL A 244 1.68 27.17 17.07
CA VAL A 244 3.13 27.37 17.16
C VAL A 244 3.75 26.09 17.74
N GLY A 245 4.90 25.71 17.20
CA GLY A 245 5.47 24.41 17.48
C GLY A 245 6.98 24.51 17.53
N VAL A 246 7.59 23.63 18.35
CA VAL A 246 9.03 23.58 18.51
C VAL A 246 9.43 22.11 18.55
N GLU A 247 10.39 21.73 17.71
CA GLU A 247 10.81 20.34 17.64
C GLU A 247 12.26 20.30 17.25
N ARG A 248 12.92 19.20 17.63
CA ARG A 248 14.34 19.00 17.38
C ARG A 248 14.55 17.55 16.97
N THR A 249 15.34 17.36 15.91
CA THR A 249 15.86 16.06 15.54
C THR A 249 17.23 15.91 16.21
N MET A 250 17.41 14.84 16.97
CA MET A 250 18.71 14.63 17.61
C MET A 250 19.71 14.02 16.64
N ALA A 251 20.99 14.31 16.89
CA ALA A 251 22.03 13.73 16.06
C ALA A 251 22.06 12.22 16.21
N GLU A 252 21.75 11.71 17.40
CA GLU A 252 21.66 10.27 17.66
C GLU A 252 20.24 9.93 18.14
N ASP A 253 19.72 8.79 17.69
CA ASP A 253 18.44 8.33 18.21
C ASP A 253 18.51 8.18 19.72
N ILE A 254 17.39 8.44 20.40
CA ILE A 254 17.32 8.21 21.83
C ILE A 254 16.49 6.98 22.08
N HIS A 255 16.78 6.31 23.20
CA HIS A 255 16.12 5.07 23.57
C HIS A 255 15.63 5.06 25.01
N HIS A 256 15.95 6.08 25.81
CA HIS A 256 15.58 6.11 27.22
C HIS A 256 14.71 7.33 27.51
N TRP A 257 13.65 7.11 28.30
CA TRP A 257 12.72 8.17 28.64
C TRP A 257 13.40 9.37 29.30
N SER A 258 14.42 9.13 30.11
CA SER A 258 15.17 10.25 30.68
C SER A 258 15.71 11.14 29.58
N GLU A 259 16.21 10.54 28.50
CA GLU A 259 16.71 11.33 27.38
C GLU A 259 15.60 12.19 26.79
N CYS A 260 14.43 11.58 26.56
CA CYS A 260 13.30 12.31 25.98
C CYS A 260 12.90 13.48 26.88
N GLU A 261 12.84 13.24 28.19
CA GLU A 261 12.45 14.27 29.13
C GLU A 261 13.47 15.40 29.16
N ALA A 262 14.77 15.04 29.19
CA ALA A 262 15.81 16.07 29.14
C ALA A 262 15.65 16.96 27.90
N ILE A 263 15.27 16.36 26.77
CA ILE A 263 15.05 17.14 25.54
C ILE A 263 13.85 18.08 25.69
N ILE A 264 12.75 17.60 26.27
CA ILE A 264 11.58 18.45 26.43
C ILE A 264 11.93 19.65 27.32
N GLU A 265 12.72 19.42 28.36
CA GLU A 265 13.06 20.51 29.26
C GLU A 265 13.79 21.63 28.56
N ARG A 266 14.46 21.34 27.44
CA ARG A 266 15.11 22.41 26.69
C ARG A 266 14.19 23.00 25.63
N LEU A 267 13.31 22.19 25.04
CA LEU A 267 12.35 22.69 24.07
C LEU A 267 11.35 23.64 24.72
N TYR A 268 10.95 23.36 25.97
CA TYR A 268 9.82 24.08 26.55
C TYR A 268 10.07 25.57 26.70
N PRO A 269 11.22 26.04 27.24
CA PRO A 269 11.42 27.49 27.32
C PRO A 269 11.34 28.17 25.97
N GLU A 270 11.79 27.50 24.92
CA GLU A 270 11.71 28.06 23.57
C GLU A 270 10.26 28.19 23.12
N LEU A 271 9.44 27.16 23.38
CA LEU A 271 8.02 27.24 23.02
C LEU A 271 7.33 28.35 23.82
N GLU A 272 7.66 28.46 25.11
CA GLU A 272 7.06 29.50 25.94
C GLU A 272 7.42 30.89 25.43
N ARG A 273 8.70 31.12 25.14
CA ARG A 273 9.15 32.43 24.70
C ARG A 273 8.47 32.85 23.40
N ARG A 274 8.25 31.90 22.50
CA ARG A 274 7.65 32.22 21.21
C ARG A 274 6.14 32.44 21.35
N LEU A 275 5.43 31.55 22.04
CA LEU A 275 4.01 31.79 22.33
C LEU A 275 3.82 33.15 22.98
N ALA A 276 4.71 33.54 23.89
CA ALA A 276 4.53 34.76 24.66
C ALA A 276 4.60 36.01 23.79
N LYS A 277 5.36 35.97 22.69
CA LYS A 277 5.41 37.13 21.80
C LYS A 277 4.03 37.45 21.20
N VAL A 278 3.20 36.43 21.02
CA VAL A 278 1.90 36.60 20.40
C VAL A 278 0.75 36.47 21.40
N LYS A 279 0.99 35.84 22.56
CA LYS A 279 -0.05 35.62 23.55
C LYS A 279 0.60 35.73 24.91
N PRO A 280 0.69 36.94 25.45
CA PRO A 280 1.40 37.15 26.73
C PRO A 280 0.92 36.28 27.86
N ASP A 281 -0.38 35.99 27.93
CA ASP A 281 -0.93 35.19 29.02
C ASP A 281 -0.78 33.69 28.79
N LEU A 282 -0.22 33.29 27.65
CA LEU A 282 -0.04 31.90 27.26
C LEU A 282 -1.35 31.16 27.09
N LEU A 283 -2.46 31.88 26.94
CA LEU A 283 -3.76 31.25 26.82
C LEU A 283 -3.93 30.66 25.42
N ILE A 284 -4.21 29.36 25.37
CA ILE A 284 -4.21 28.57 24.15
C ILE A 284 -5.48 27.71 24.13
N ALA A 285 -5.67 27.02 23.00
CA ALA A 285 -6.82 26.13 22.85
C ALA A 285 -6.45 24.66 23.03
N ARG A 286 -5.27 24.24 22.57
CA ARG A 286 -4.82 22.87 22.72
C ARG A 286 -3.32 22.87 22.88
N GLN A 287 -2.77 21.83 23.52
CA GLN A 287 -1.32 21.63 23.56
C GLN A 287 -1.01 20.14 23.42
N GLY A 288 0.22 19.83 22.99
CA GLY A 288 0.49 18.44 22.63
C GLY A 288 1.94 18.22 22.24
N VAL A 289 2.22 16.98 21.84
CA VAL A 289 3.59 16.52 21.64
C VAL A 289 3.67 15.69 20.37
N LYS A 290 4.90 15.54 19.87
CA LYS A 290 5.20 14.84 18.63
C LYS A 290 6.44 13.99 18.85
N LEU A 291 6.38 12.73 18.42
CA LEU A 291 7.53 11.86 18.41
C LEU A 291 7.68 11.29 17.01
N LYS A 292 8.92 11.22 16.52
CA LYS A 292 9.22 10.54 15.27
C LYS A 292 10.18 9.40 15.57
N PHE A 293 9.76 8.18 15.26
CA PHE A 293 10.57 7.01 15.57
C PHE A 293 11.65 6.78 14.52
N ASP A 294 12.37 5.65 14.61
CA ASP A 294 13.42 5.34 13.65
C ASP A 294 12.89 4.69 12.38
N ASP A 295 11.69 4.08 12.41
CA ASP A 295 11.02 3.72 11.16
C ASP A 295 10.33 4.92 10.51
N PHE A 296 10.65 6.12 10.98
CA PHE A 296 10.18 7.38 10.42
C PHE A 296 8.68 7.58 10.54
N GLN A 297 7.98 6.61 11.12
CA GLN A 297 6.60 6.87 11.50
C GLN A 297 6.58 8.00 12.52
N GLN A 298 5.49 8.74 12.53
CA GLN A 298 5.38 9.91 13.37
C GLN A 298 4.03 9.89 14.04
N THR A 299 3.99 10.25 15.30
CA THR A 299 2.74 10.36 16.01
C THR A 299 2.71 11.69 16.76
N THR A 300 1.49 12.17 17.00
CA THR A 300 1.22 13.37 17.75
C THR A 300 0.07 13.07 18.71
N GLN A 301 0.14 13.55 19.94
CA GLN A 301 -1.09 13.63 20.71
C GLN A 301 -1.21 15.00 21.32
N GLU A 302 -2.36 15.61 21.10
CA GLU A 302 -2.71 16.93 21.52
C GLU A 302 -4.06 16.81 22.19
N HIS A 303 -4.37 17.74 23.07
CA HIS A 303 -5.67 17.71 23.70
C HIS A 303 -6.08 19.14 24.02
N VAL A 304 -7.39 19.33 24.18
CA VAL A 304 -7.91 20.58 24.73
C VAL A 304 -7.16 20.91 26.02
N TRP A 305 -6.65 22.14 26.10
CA TRP A 305 -5.92 22.60 27.27
C TRP A 305 -5.89 24.12 27.23
N PRO A 306 -6.02 24.80 28.37
CA PRO A 306 -6.27 26.24 28.33
C PRO A 306 -5.05 27.13 28.47
N ARG A 307 -3.91 26.59 28.89
CA ARG A 307 -2.74 27.44 29.16
C ARG A 307 -1.48 26.60 29.09
N LEU A 308 -0.49 27.08 28.32
CA LEU A 308 0.81 26.44 28.18
C LEU A 308 1.30 25.89 29.51
N ASN A 309 1.51 24.57 29.58
CA ASN A 309 1.87 23.90 30.82
C ASN A 309 2.90 22.81 30.56
N LYS A 310 4.05 22.91 31.23
CA LYS A 310 5.21 22.07 30.91
C LYS A 310 5.04 20.63 31.40
N ALA A 311 4.53 20.46 32.63
CA ALA A 311 4.39 19.12 33.18
C ALA A 311 3.36 18.31 32.40
N ASP A 312 2.26 18.93 31.97
CA ASP A 312 1.32 18.21 31.13
C ASP A 312 1.98 17.80 29.81
N LEU A 313 2.84 18.63 29.25
CA LEU A 313 3.55 18.24 28.03
C LEU A 313 4.48 17.06 28.29
N ILE A 314 5.15 17.04 29.46
CA ILE A 314 5.98 15.90 29.81
C ILE A 314 5.12 14.65 30.04
N ALA A 315 4.03 14.79 30.79
CA ALA A 315 3.14 13.66 31.04
C ALA A 315 2.57 13.10 29.74
N THR A 316 2.17 13.96 28.82
CA THR A 316 1.68 13.47 27.54
C THR A 316 2.79 12.77 26.77
N ALA A 317 3.98 13.37 26.73
CA ALA A 317 5.14 12.69 26.15
C ALA A 317 5.37 11.32 26.79
N ARG A 318 5.14 11.21 28.10
CA ARG A 318 5.36 9.94 28.78
C ARG A 318 4.42 8.86 28.25
N LYS A 319 3.11 9.17 28.17
CA LYS A 319 2.16 8.20 27.68
C LYS A 319 2.51 7.77 26.25
N THR A 320 2.80 8.75 25.39
CA THR A 320 3.18 8.43 24.01
C THR A 320 4.43 7.58 23.98
N TRP A 321 5.40 7.91 24.84
CA TRP A 321 6.62 7.12 24.91
C TRP A 321 6.33 5.68 25.31
N ASP A 322 5.45 5.49 26.29
CA ASP A 322 5.11 4.12 26.66
C ASP A 322 4.15 3.52 25.64
N GLU A 323 3.08 4.23 25.31
CA GLU A 323 1.93 3.59 24.67
C GLU A 323 2.12 3.35 23.17
N ARG A 324 3.06 4.03 22.50
CA ARG A 324 3.19 3.77 21.07
C ARG A 324 4.60 3.99 20.55
N ARG A 325 5.62 3.64 21.34
CA ARG A 325 6.99 3.60 20.84
C ARG A 325 7.42 2.20 20.43
N GLY A 326 6.90 1.17 21.09
CA GLY A 326 7.15 -0.21 20.71
C GLY A 326 8.62 -0.55 20.59
N GLY A 327 9.44 -0.01 21.49
CA GLY A 327 10.85 -0.34 21.49
C GLY A 327 11.67 0.30 20.41
N ARG A 328 11.06 1.05 19.49
CA ARG A 328 11.83 1.76 18.47
C ARG A 328 12.62 2.89 19.11
N GLY A 329 13.71 3.28 18.47
CA GLY A 329 14.36 4.52 18.82
C GLY A 329 13.60 5.73 18.30
N VAL A 330 13.95 6.88 18.84
CA VAL A 330 13.22 8.12 18.57
C VAL A 330 14.23 9.15 18.08
N ARG A 331 13.96 9.76 16.93
CA ARG A 331 14.90 10.72 16.37
C ARG A 331 14.46 12.16 16.56
N LEU A 332 13.19 12.40 16.88
CA LEU A 332 12.67 13.75 17.03
C LEU A 332 11.66 13.84 18.17
N VAL A 333 11.73 14.92 18.92
CA VAL A 333 10.73 15.26 19.93
C VAL A 333 10.21 16.64 19.59
N GLY A 334 8.90 16.83 19.69
CA GLY A 334 8.31 18.13 19.44
C GLY A 334 7.22 18.48 20.43
N LEU A 335 7.12 19.77 20.73
CA LEU A 335 6.04 20.36 21.49
C LEU A 335 5.20 21.18 20.53
N HIS A 336 3.93 21.37 20.88
CA HIS A 336 2.98 21.97 19.95
C HIS A 336 1.86 22.63 20.74
N VAL A 337 1.29 23.66 20.14
CA VAL A 337 0.21 24.41 20.77
C VAL A 337 -0.74 24.85 19.66
N THR A 338 -2.05 24.80 19.93
CA THR A 338 -3.06 25.31 19.02
C THR A 338 -3.64 26.59 19.61
N LEU A 339 -3.69 27.65 18.81
CA LEU A 339 -4.04 28.96 19.31
C LEU A 339 -5.56 29.13 19.32
N LEU A 340 -6.04 29.90 20.29
CA LEU A 340 -7.47 30.20 20.38
C LEU A 340 -7.92 30.89 19.09
N ASP A 341 -9.22 30.85 18.85
CA ASP A 341 -9.80 31.13 17.53
C ASP A 341 -9.81 32.58 17.05
N PRO A 342 -9.75 33.61 17.91
CA PRO A 342 -10.14 34.88 17.26
C PRO A 342 -9.04 35.45 16.37
N GLY B 1 -28.10 -50.39 0.26
CA GLY B 1 -28.08 -48.93 0.23
C GLY B 1 -26.69 -48.32 0.26
N SER B 2 -25.96 -48.45 -0.85
CA SER B 2 -24.64 -47.85 -1.00
C SER B 2 -24.70 -46.80 -2.11
N ARG B 3 -24.20 -45.61 -1.81
CA ARG B 3 -24.17 -44.56 -2.81
C ARG B 3 -23.07 -44.86 -3.83
N LYS B 4 -23.03 -44.06 -4.88
CA LYS B 4 -21.99 -44.15 -5.91
C LYS B 4 -21.36 -42.79 -6.07
N ILE B 5 -20.12 -42.65 -5.61
CA ILE B 5 -19.41 -41.38 -5.60
C ILE B 5 -18.27 -41.45 -6.61
N ILE B 6 -18.15 -40.41 -7.43
CA ILE B 6 -17.05 -40.26 -8.38
C ILE B 6 -16.28 -39.01 -7.98
N HIS B 7 -14.97 -39.15 -7.82
CA HIS B 7 -14.09 -38.00 -7.71
C HIS B 7 -13.37 -37.86 -9.06
N VAL B 8 -13.50 -36.68 -9.68
CA VAL B 8 -12.88 -36.38 -10.97
C VAL B 8 -11.78 -35.35 -10.72
N ASP B 9 -10.59 -35.60 -11.28
CA ASP B 9 -9.41 -34.80 -10.95
C ASP B 9 -8.55 -34.60 -12.20
N MET B 10 -8.40 -33.35 -12.62
CA MET B 10 -7.59 -33.04 -13.79
C MET B 10 -6.11 -33.34 -13.54
N ASP B 11 -5.42 -33.79 -14.59
CA ASP B 11 -4.01 -34.15 -14.50
C ASP B 11 -3.12 -32.94 -14.74
N CYS B 12 -2.21 -32.68 -13.79
CA CYS B 12 -1.24 -31.59 -13.84
C CYS B 12 -1.87 -30.30 -14.38
N PHE B 13 -2.93 -29.88 -13.69
CA PHE B 13 -3.92 -28.99 -14.29
C PHE B 13 -3.29 -27.78 -14.96
N PHE B 14 -2.57 -26.95 -14.18
CA PHE B 14 -2.03 -25.72 -14.76
C PHE B 14 -1.05 -26.02 -15.89
N ALA B 15 -0.22 -27.05 -15.72
CA ALA B 15 0.77 -27.36 -16.75
C ALA B 15 0.15 -28.06 -17.95
N ALA B 16 -1.01 -28.70 -17.75
CA ALA B 16 -1.67 -29.35 -18.87
C ALA B 16 -2.38 -28.33 -19.75
N VAL B 17 -2.91 -27.26 -19.14
CA VAL B 17 -3.42 -26.17 -19.95
C VAL B 17 -2.28 -25.53 -20.75
N GLU B 18 -1.14 -25.31 -20.11
CA GLU B 18 -0.01 -24.66 -20.79
C GLU B 18 0.56 -25.53 -21.89
N MET B 19 0.73 -26.83 -21.63
CA MET B 19 1.24 -27.71 -22.69
C MET B 19 0.26 -27.81 -23.85
N ARG B 20 -1.05 -27.74 -23.58
CA ARG B 20 -2.03 -27.79 -24.66
C ARG B 20 -1.96 -26.55 -25.55
N ASP B 21 -1.82 -25.37 -24.95
CA ASP B 21 -1.80 -24.13 -25.71
C ASP B 21 -0.43 -23.82 -26.32
N ASN B 22 0.61 -24.55 -25.93
CA ASN B 22 1.95 -24.37 -26.51
C ASN B 22 2.61 -25.74 -26.55
N PRO B 23 2.51 -26.45 -27.67
CA PRO B 23 3.07 -27.81 -27.74
C PRO B 23 4.58 -27.88 -27.58
N ALA B 24 5.31 -26.77 -27.73
CA ALA B 24 6.75 -26.79 -27.53
C ALA B 24 7.14 -27.11 -26.10
N LEU B 25 6.19 -27.11 -25.16
CA LEU B 25 6.45 -27.43 -23.76
C LEU B 25 6.05 -28.87 -23.41
N ARG B 26 5.76 -29.71 -24.40
CA ARG B 26 5.23 -31.04 -24.11
C ARG B 26 6.30 -31.94 -23.49
N ASP B 27 7.50 -31.95 -24.04
CA ASP B 27 8.52 -32.91 -23.65
C ASP B 27 9.66 -32.28 -22.85
N ILE B 28 9.42 -31.10 -22.26
CA ILE B 28 10.45 -30.44 -21.46
C ILE B 28 9.93 -30.18 -20.04
N PRO B 29 10.81 -30.03 -19.04
CA PRO B 29 10.35 -29.75 -17.67
C PRO B 29 9.83 -28.32 -17.57
N ILE B 30 8.53 -28.18 -17.26
CA ILE B 30 7.90 -26.88 -17.05
C ILE B 30 7.22 -26.87 -15.70
N ALA B 31 7.08 -25.67 -15.15
CA ALA B 31 6.35 -25.45 -13.91
C ALA B 31 5.63 -24.11 -14.00
N ILE B 32 4.55 -23.99 -13.22
CA ILE B 32 3.88 -22.71 -13.02
C ILE B 32 4.22 -22.25 -11.62
N GLY B 33 4.84 -21.08 -11.52
CA GLY B 33 5.18 -20.54 -10.21
C GLY B 33 5.84 -19.19 -10.39
N GLY B 34 6.08 -18.54 -9.27
CA GLY B 34 6.76 -17.26 -9.28
C GLY B 34 8.27 -17.42 -9.25
N SER B 35 8.96 -16.44 -9.84
CA SER B 35 10.41 -16.46 -9.90
C SER B 35 11.02 -16.39 -8.52
N ARG B 36 12.29 -16.79 -8.43
CA ARG B 36 12.99 -16.67 -7.16
C ARG B 36 13.15 -15.20 -6.76
N GLU B 37 13.26 -14.30 -7.73
CA GLU B 37 13.33 -12.88 -7.43
C GLU B 37 12.09 -12.42 -6.68
N ARG B 38 10.93 -12.95 -7.07
CA ARG B 38 9.67 -12.67 -6.40
C ARG B 38 9.46 -13.54 -5.17
N ARG B 39 10.44 -14.37 -4.80
CA ARG B 39 10.38 -15.23 -3.63
C ARG B 39 9.17 -16.17 -3.67
N GLY B 40 8.96 -16.80 -4.83
CA GLY B 40 7.80 -17.64 -5.06
C GLY B 40 8.07 -19.13 -4.94
N VAL B 41 6.99 -19.90 -5.09
CA VAL B 41 7.01 -21.36 -5.04
C VAL B 41 6.36 -21.90 -6.31
N ILE B 42 6.47 -23.21 -6.48
CA ILE B 42 5.91 -23.90 -7.63
C ILE B 42 4.45 -24.21 -7.37
N SER B 43 3.57 -23.76 -8.26
CA SER B 43 2.15 -24.07 -8.15
C SER B 43 1.86 -25.51 -8.56
N THR B 44 2.44 -25.93 -9.69
CA THR B 44 2.43 -27.33 -10.10
C THR B 44 3.48 -27.53 -11.17
N ALA B 45 3.71 -28.79 -11.53
CA ALA B 45 4.75 -29.13 -12.48
C ALA B 45 4.28 -30.29 -13.33
N ASN B 46 4.82 -30.38 -14.55
CA ASN B 46 4.52 -31.48 -15.43
C ASN B 46 5.44 -32.67 -15.14
N TYR B 47 5.12 -33.81 -15.76
CA TYR B 47 5.87 -35.03 -15.46
C TYR B 47 7.35 -34.96 -15.81
N PRO B 48 7.78 -34.33 -16.91
CA PRO B 48 9.23 -34.15 -17.10
C PRO B 48 9.89 -33.42 -15.95
N ALA B 49 9.20 -32.43 -15.37
CA ALA B 49 9.77 -31.75 -14.20
C ALA B 49 9.73 -32.64 -12.97
N ARG B 50 8.71 -33.48 -12.84
CA ARG B 50 8.53 -34.22 -11.59
C ARG B 50 9.60 -35.28 -11.39
N LYS B 51 10.08 -35.91 -12.46
CA LYS B 51 11.11 -36.93 -12.24
C LYS B 51 12.40 -36.31 -11.72
N PHE B 52 12.60 -35.01 -11.96
CA PHE B 52 13.65 -34.29 -11.26
C PHE B 52 13.26 -33.93 -9.84
N GLY B 53 12.03 -34.22 -9.42
CA GLY B 53 11.60 -33.96 -8.07
C GLY B 53 10.91 -32.63 -7.86
N VAL B 54 10.62 -31.89 -8.93
CA VAL B 54 9.86 -30.65 -8.77
C VAL B 54 8.45 -30.97 -8.29
N ARG B 55 8.04 -30.33 -7.21
CA ARG B 55 6.73 -30.60 -6.60
C ARG B 55 5.95 -29.29 -6.43
N SER B 56 4.66 -29.43 -6.17
CA SER B 56 3.88 -28.28 -5.76
C SER B 56 4.32 -27.82 -4.37
N ALA B 57 4.29 -26.51 -4.16
CA ALA B 57 4.62 -25.80 -2.92
C ALA B 57 6.14 -25.76 -2.67
N MET B 58 6.96 -26.29 -3.56
CA MET B 58 8.41 -26.25 -3.39
C MET B 58 8.95 -24.86 -3.73
N PRO B 59 9.84 -24.31 -2.90
CA PRO B 59 10.46 -23.02 -3.22
C PRO B 59 11.12 -23.06 -4.59
N THR B 60 10.85 -22.03 -5.39
CA THR B 60 11.27 -22.05 -6.80
C THR B 60 12.78 -22.15 -6.95
N GLY B 61 13.54 -21.57 -6.03
CA GLY B 61 14.98 -21.75 -6.06
C GLY B 61 15.40 -23.20 -5.85
N MET B 62 14.70 -23.90 -4.95
CA MET B 62 14.94 -25.34 -4.80
C MET B 62 14.62 -26.06 -6.10
N ALA B 63 13.48 -25.71 -6.72
CA ALA B 63 13.07 -26.34 -7.97
C ALA B 63 14.13 -26.17 -9.06
N LEU B 64 14.73 -24.98 -9.14
CA LEU B 64 15.73 -24.72 -10.17
C LEU B 64 17.06 -25.41 -9.87
N LYS B 65 17.44 -25.49 -8.59
CA LYS B 65 18.61 -26.29 -8.24
C LYS B 65 18.37 -27.76 -8.50
N LEU B 66 17.12 -28.23 -8.39
CA LEU B 66 16.83 -29.63 -8.69
C LEU B 66 16.67 -29.89 -10.18
N CYS B 67 16.28 -28.88 -10.95
CA CYS B 67 15.94 -29.02 -12.37
C CYS B 67 16.40 -27.78 -13.12
N PRO B 68 17.73 -27.62 -13.30
CA PRO B 68 18.27 -26.39 -13.90
C PRO B 68 17.65 -26.02 -15.23
N HIS B 69 17.17 -27.00 -15.99
CA HIS B 69 16.56 -26.75 -17.30
C HIS B 69 15.10 -26.38 -17.19
N LEU B 70 14.55 -26.29 -15.98
CA LEU B 70 13.14 -25.99 -15.77
C LEU B 70 12.73 -24.73 -16.52
N THR B 71 11.56 -24.79 -17.16
CA THR B 71 10.95 -23.61 -17.76
C THR B 71 9.84 -23.11 -16.83
N LEU B 72 9.98 -21.89 -16.37
CA LEU B 72 9.09 -21.33 -15.36
C LEU B 72 8.10 -20.37 -16.02
N LEU B 73 6.77 -20.68 -15.91
CA LEU B 73 5.68 -19.91 -16.47
C LEU B 73 4.89 -19.18 -15.38
N PRO B 74 4.40 -17.97 -15.66
CA PRO B 74 3.72 -17.19 -14.61
C PRO B 74 2.31 -17.66 -14.31
N GLY B 75 1.65 -18.36 -15.23
CA GLY B 75 0.28 -18.78 -14.98
C GLY B 75 -0.77 -17.85 -15.55
N ARG B 76 -1.75 -18.42 -16.23
CA ARG B 76 -2.81 -17.66 -16.88
C ARG B 76 -4.13 -18.08 -16.24
N PHE B 77 -4.47 -17.43 -15.13
CA PHE B 77 -5.67 -17.84 -14.39
C PHE B 77 -6.91 -17.82 -15.27
N ASP B 78 -6.97 -16.91 -16.25
CA ASP B 78 -8.12 -16.89 -17.15
C ASP B 78 -8.21 -18.14 -18.01
N ALA B 79 -7.07 -18.75 -18.35
CA ALA B 79 -7.11 -20.03 -19.05
C ALA B 79 -7.65 -21.14 -18.15
N TYR B 80 -7.17 -21.19 -16.91
CA TYR B 80 -7.55 -22.25 -15.99
C TYR B 80 -9.01 -22.11 -15.55
N LYS B 81 -9.48 -20.87 -15.36
CA LYS B 81 -10.89 -20.67 -15.02
C LYS B 81 -11.81 -21.08 -16.17
N GLU B 82 -11.42 -20.81 -17.42
CA GLU B 82 -12.25 -21.20 -18.55
C GLU B 82 -12.40 -22.72 -18.64
N ALA B 83 -11.29 -23.46 -18.48
CA ALA B 83 -11.36 -24.92 -18.55
C ALA B 83 -12.14 -25.50 -17.37
N SER B 84 -11.97 -24.91 -16.17
CA SER B 84 -12.68 -25.39 -14.99
C SER B 84 -14.20 -25.21 -15.13
N ASN B 85 -14.64 -24.04 -15.62
CA ASN B 85 -16.07 -23.89 -15.88
C ASN B 85 -16.54 -24.93 -16.90
N HIS B 86 -15.72 -25.22 -17.91
CA HIS B 86 -16.10 -26.19 -18.92
C HIS B 86 -16.31 -27.57 -18.30
N ILE B 87 -15.35 -28.05 -17.49
CA ILE B 87 -15.51 -29.39 -16.92
C ILE B 87 -16.72 -29.44 -15.98
N ARG B 88 -16.94 -28.37 -15.21
CA ARG B 88 -18.11 -28.32 -14.33
C ARG B 88 -19.41 -28.41 -15.13
N GLU B 89 -19.46 -27.81 -16.32
CA GLU B 89 -20.62 -27.98 -17.17
C GLU B 89 -20.71 -29.40 -17.71
N ILE B 90 -19.56 -30.02 -18.01
CA ILE B 90 -19.59 -31.41 -18.42
C ILE B 90 -20.19 -32.27 -17.32
N PHE B 91 -19.76 -32.05 -16.07
CA PHE B 91 -20.36 -32.75 -14.93
C PHE B 91 -21.87 -32.55 -14.86
N SER B 92 -22.34 -31.34 -15.18
CA SER B 92 -23.76 -31.04 -15.10
C SER B 92 -24.58 -31.84 -16.09
N ARG B 93 -23.96 -32.35 -17.16
CA ARG B 93 -24.70 -33.18 -18.10
C ARG B 93 -25.12 -34.49 -17.47
N TYR B 94 -24.35 -35.00 -16.50
CA TYR B 94 -24.56 -36.32 -15.90
C TYR B 94 -25.33 -36.27 -14.58
N THR B 95 -25.10 -35.27 -13.74
CA THR B 95 -25.91 -35.10 -12.54
C THR B 95 -25.86 -33.64 -12.09
N SER B 96 -26.87 -33.25 -11.32
CA SER B 96 -26.83 -31.96 -10.64
C SER B 96 -26.14 -32.04 -9.30
N ARG B 97 -25.94 -33.25 -8.77
CA ARG B 97 -25.32 -33.43 -7.46
C ARG B 97 -23.81 -33.36 -7.63
N ILE B 98 -23.31 -32.13 -7.61
CA ILE B 98 -21.93 -31.80 -7.92
C ILE B 98 -21.38 -30.95 -6.80
N GLU B 99 -20.26 -31.37 -6.22
CA GLU B 99 -19.55 -30.55 -5.24
C GLU B 99 -18.14 -30.30 -5.72
N PRO B 100 -17.87 -29.16 -6.36
CA PRO B 100 -16.49 -28.81 -6.68
C PRO B 100 -15.68 -28.61 -5.41
N LEU B 101 -14.42 -29.02 -5.44
CA LEU B 101 -13.55 -28.82 -4.28
C LEU B 101 -12.44 -27.82 -4.55
N SER B 102 -12.22 -27.48 -5.81
CA SER B 102 -11.22 -26.54 -6.29
C SER B 102 -11.55 -26.33 -7.77
N LEU B 103 -10.73 -25.52 -8.45
CA LEU B 103 -10.94 -25.35 -9.89
C LEU B 103 -11.04 -26.69 -10.61
N ASP B 104 -10.13 -27.64 -10.30
CA ASP B 104 -9.90 -28.76 -11.20
C ASP B 104 -10.46 -30.09 -10.70
N GLU B 105 -11.33 -30.09 -9.69
CA GLU B 105 -11.83 -31.38 -9.20
C GLU B 105 -13.22 -31.22 -8.62
N ALA B 106 -13.95 -32.33 -8.57
CA ALA B 106 -15.28 -32.32 -7.98
C ALA B 106 -15.67 -33.74 -7.55
N TYR B 107 -16.50 -33.82 -6.51
CA TYR B 107 -17.25 -35.03 -6.25
C TYR B 107 -18.53 -35.00 -7.06
N LEU B 108 -18.97 -36.20 -7.47
CA LEU B 108 -20.28 -36.40 -8.06
C LEU B 108 -20.96 -37.53 -7.30
N ASP B 109 -22.28 -37.47 -7.21
CA ASP B 109 -23.10 -38.50 -6.58
C ASP B 109 -24.04 -39.02 -7.66
N VAL B 110 -23.71 -40.18 -8.22
CA VAL B 110 -24.49 -40.72 -9.34
C VAL B 110 -25.24 -41.95 -8.86
N THR B 111 -25.62 -41.95 -7.58
CA THR B 111 -26.34 -43.09 -7.01
C THR B 111 -27.59 -43.42 -7.81
N ASP B 112 -28.37 -42.41 -8.16
CA ASP B 112 -29.58 -42.60 -8.95
C ASP B 112 -29.42 -41.88 -10.28
N SER B 113 -28.44 -42.32 -11.08
CA SER B 113 -28.25 -41.82 -12.43
C SER B 113 -28.71 -42.87 -13.42
N VAL B 114 -29.49 -42.45 -14.41
CA VAL B 114 -30.00 -43.34 -15.44
C VAL B 114 -29.06 -43.34 -16.64
N HIS B 115 -27.94 -42.65 -16.51
CA HIS B 115 -26.92 -42.72 -17.56
C HIS B 115 -26.14 -44.03 -17.46
N CYS B 116 -25.64 -44.48 -18.61
CA CYS B 116 -24.82 -45.69 -18.76
C CYS B 116 -25.34 -46.88 -17.94
N HIS B 117 -26.67 -47.05 -17.91
CA HIS B 117 -27.31 -48.15 -17.18
C HIS B 117 -26.93 -48.15 -15.71
N GLY B 118 -26.77 -46.96 -15.13
CA GLY B 118 -26.41 -46.85 -13.74
C GLY B 118 -25.02 -47.28 -13.41
N SER B 119 -24.14 -47.40 -14.40
CA SER B 119 -22.76 -47.81 -14.15
C SER B 119 -21.93 -46.59 -13.76
N ALA B 120 -21.46 -46.56 -12.51
CA ALA B 120 -20.57 -45.48 -12.11
C ALA B 120 -19.21 -45.59 -12.77
N THR B 121 -18.76 -46.82 -13.07
CA THR B 121 -17.52 -46.98 -13.82
C THR B 121 -17.66 -46.36 -15.21
N LEU B 122 -18.71 -46.73 -15.95
CA LEU B 122 -18.85 -46.22 -17.31
C LEU B 122 -19.10 -44.72 -17.32
N ILE B 123 -19.82 -44.19 -16.32
CA ILE B 123 -20.03 -42.74 -16.24
C ILE B 123 -18.71 -42.02 -16.05
N ALA B 124 -17.90 -42.47 -15.09
CA ALA B 124 -16.59 -41.86 -14.93
C ALA B 124 -15.77 -41.96 -16.21
N GLN B 125 -15.83 -43.11 -16.89
CA GLN B 125 -15.12 -43.27 -18.16
C GLN B 125 -15.67 -42.30 -19.20
N GLU B 126 -16.98 -42.14 -19.23
CA GLU B 126 -17.58 -41.25 -20.22
C GLU B 126 -17.33 -39.79 -19.90
N ILE B 127 -16.98 -39.46 -18.66
CA ILE B 127 -16.66 -38.08 -18.30
C ILE B 127 -15.20 -37.77 -18.57
N ARG B 128 -14.31 -38.75 -18.39
CA ARG B 128 -12.90 -38.55 -18.70
C ARG B 128 -12.71 -38.35 -20.20
N GLN B 129 -13.23 -39.29 -21.01
CA GLN B 129 -13.55 -38.92 -22.37
C GLN B 129 -14.64 -37.84 -22.30
N THR B 130 -14.73 -36.99 -23.31
CA THR B 130 -15.53 -35.77 -23.30
C THR B 130 -14.71 -34.62 -22.72
N ILE B 131 -14.02 -34.86 -21.60
CA ILE B 131 -13.07 -33.86 -21.16
C ILE B 131 -11.84 -33.89 -22.05
N PHE B 132 -11.46 -35.08 -22.53
CA PHE B 132 -10.36 -35.16 -23.50
C PHE B 132 -10.76 -34.53 -24.82
N ASN B 133 -11.87 -35.01 -25.41
CA ASN B 133 -12.52 -34.19 -26.44
C ASN B 133 -12.88 -32.85 -25.81
N GLU B 134 -13.36 -31.92 -26.64
CA GLU B 134 -13.80 -30.61 -26.11
C GLU B 134 -12.67 -29.79 -25.49
N LEU B 135 -11.85 -30.35 -24.62
CA LEU B 135 -10.85 -29.58 -23.90
C LEU B 135 -9.41 -29.95 -24.22
N GLN B 136 -9.18 -31.09 -24.87
CA GLN B 136 -7.83 -31.59 -25.14
C GLN B 136 -7.00 -31.63 -23.86
N LEU B 137 -7.62 -32.16 -22.79
CA LEU B 137 -6.97 -32.36 -21.50
C LEU B 137 -7.44 -33.69 -20.91
N THR B 138 -6.58 -34.30 -20.10
CA THR B 138 -6.92 -35.58 -19.50
C THR B 138 -7.28 -35.41 -18.03
N ALA B 139 -8.19 -36.28 -17.58
CA ALA B 139 -8.53 -36.37 -16.17
C ALA B 139 -8.39 -37.80 -15.68
N SER B 140 -8.28 -37.93 -14.37
CA SER B 140 -8.39 -39.21 -13.67
C SER B 140 -9.64 -39.20 -12.81
N ALA B 141 -10.08 -40.39 -12.41
CA ALA B 141 -11.28 -40.48 -11.60
C ALA B 141 -11.23 -41.67 -10.66
N GLY B 142 -11.93 -41.53 -9.54
CA GLY B 142 -12.11 -42.61 -8.57
C GLY B 142 -13.57 -42.83 -8.30
N VAL B 143 -13.96 -44.11 -8.18
CA VAL B 143 -15.33 -44.52 -7.89
C VAL B 143 -15.32 -45.32 -6.59
N ALA B 144 -16.19 -44.96 -5.66
CA ALA B 144 -16.19 -45.60 -4.35
C ALA B 144 -17.54 -45.38 -3.68
N PRO B 145 -17.85 -46.07 -2.60
CA PRO B 145 -19.15 -45.87 -1.92
C PRO B 145 -19.22 -44.63 -1.06
N VAL B 146 -18.11 -43.97 -0.79
CA VAL B 146 -18.07 -42.78 0.05
C VAL B 146 -17.07 -41.79 -0.53
N LYS B 147 -17.08 -40.57 0.01
CA LYS B 147 -16.26 -39.48 -0.52
C LYS B 147 -14.76 -39.82 -0.50
N PHE B 148 -14.20 -40.04 0.71
CA PHE B 148 -12.74 -40.04 0.85
C PHE B 148 -12.08 -41.19 0.09
N LEU B 149 -12.78 -42.31 -0.09
CA LEU B 149 -12.24 -43.40 -0.89
C LEU B 149 -12.26 -43.04 -2.37
N ALA B 150 -13.32 -42.38 -2.84
CA ALA B 150 -13.36 -41.96 -4.24
C ALA B 150 -12.22 -40.98 -4.54
N LYS B 151 -11.94 -40.06 -3.61
CA LYS B 151 -10.85 -39.12 -3.85
C LYS B 151 -9.50 -39.82 -3.81
N ILE B 152 -9.33 -40.77 -2.88
CA ILE B 152 -8.11 -41.57 -2.87
C ILE B 152 -7.97 -42.34 -4.17
N ALA B 153 -9.07 -42.95 -4.63
CA ALA B 153 -8.97 -43.78 -5.82
C ALA B 153 -8.73 -42.97 -7.09
N SER B 154 -9.05 -41.68 -7.10
CA SER B 154 -8.78 -40.92 -8.32
C SER B 154 -7.30 -40.69 -8.52
N ASP B 155 -6.50 -40.82 -7.46
CA ASP B 155 -5.05 -40.66 -7.53
C ASP B 155 -4.31 -41.92 -7.94
N MET B 156 -4.96 -43.10 -7.81
CA MET B 156 -4.22 -44.36 -7.89
C MET B 156 -3.85 -44.77 -9.29
N ASN B 157 -4.55 -44.25 -10.30
CA ASN B 157 -4.26 -44.54 -11.69
C ASN B 157 -4.12 -43.24 -12.47
N LYS B 158 -3.67 -42.16 -11.82
CA LYS B 158 -3.24 -40.96 -12.58
C LYS B 158 -1.92 -41.26 -13.31
N PRO B 159 -1.71 -40.64 -14.48
CA PRO B 159 -2.67 -39.77 -15.20
C PRO B 159 -3.57 -40.57 -16.14
N ASN B 160 -4.72 -39.98 -16.52
CA ASN B 160 -5.54 -40.49 -17.62
C ASN B 160 -6.07 -41.90 -17.38
N GLY B 161 -6.32 -42.25 -16.11
CA GLY B 161 -6.92 -43.52 -15.78
C GLY B 161 -7.87 -43.34 -14.61
N GLN B 162 -8.55 -44.43 -14.26
CA GLN B 162 -9.49 -44.40 -13.15
C GLN B 162 -9.32 -45.66 -12.32
N PHE B 163 -9.98 -45.68 -11.16
CA PHE B 163 -9.90 -46.82 -10.25
C PHE B 163 -11.20 -46.91 -9.46
N VAL B 164 -11.73 -48.12 -9.35
CA VAL B 164 -13.02 -48.38 -8.72
C VAL B 164 -12.81 -49.21 -7.46
N ILE B 165 -13.51 -48.84 -6.39
CA ILE B 165 -13.52 -49.56 -5.13
C ILE B 165 -14.97 -49.95 -4.83
N THR B 166 -15.28 -51.23 -4.96
CA THR B 166 -16.62 -51.69 -4.65
C THR B 166 -16.80 -51.85 -3.14
N PRO B 167 -18.05 -51.82 -2.65
CA PRO B 167 -18.27 -52.11 -1.22
C PRO B 167 -17.58 -53.37 -0.76
N ALA B 168 -17.65 -54.44 -1.56
CA ALA B 168 -16.99 -55.71 -1.20
C ALA B 168 -15.50 -55.52 -0.97
N GLU B 169 -14.89 -54.53 -1.61
CA GLU B 169 -13.44 -54.38 -1.59
C GLU B 169 -12.93 -53.44 -0.50
N VAL B 170 -13.75 -52.55 0.08
CA VAL B 170 -13.14 -51.58 1.00
C VAL B 170 -12.52 -52.24 2.23
N PRO B 171 -13.00 -53.36 2.76
CA PRO B 171 -12.29 -53.95 3.92
C PRO B 171 -10.83 -54.30 3.62
N ALA B 172 -10.58 -55.07 2.56
CA ALA B 172 -9.20 -55.35 2.15
C ALA B 172 -8.47 -54.07 1.81
N PHE B 173 -9.15 -53.12 1.14
CA PHE B 173 -8.48 -51.90 0.74
C PHE B 173 -8.10 -51.05 1.94
N LEU B 174 -8.87 -51.13 3.03
CA LEU B 174 -8.60 -50.36 4.24
C LEU B 174 -7.40 -50.90 5.00
N GLN B 175 -7.29 -52.23 5.12
CA GLN B 175 -6.36 -52.83 6.06
C GLN B 175 -4.94 -52.29 5.90
N THR B 176 -4.56 -51.91 4.69
CA THR B 176 -3.21 -51.53 4.36
C THR B 176 -3.09 -50.06 3.94
N LEU B 177 -4.17 -49.29 4.05
CA LEU B 177 -4.24 -47.91 3.59
C LEU B 177 -3.48 -46.99 4.52
N PRO B 178 -2.38 -46.40 4.08
CA PRO B 178 -1.64 -45.47 4.95
C PRO B 178 -2.52 -44.28 5.35
N LEU B 179 -2.51 -43.96 6.64
CA LEU B 179 -3.36 -42.88 7.13
C LEU B 179 -3.07 -41.57 6.42
N ALA B 180 -1.83 -41.38 5.97
CA ALA B 180 -1.48 -40.11 5.33
C ALA B 180 -2.23 -39.92 4.02
N LYS B 181 -2.78 -40.97 3.44
CA LYS B 181 -3.51 -40.84 2.18
C LYS B 181 -4.95 -40.44 2.40
N ILE B 182 -5.41 -40.34 3.65
CA ILE B 182 -6.74 -39.82 3.94
C ILE B 182 -6.66 -38.31 3.78
N PRO B 183 -7.42 -37.71 2.86
CA PRO B 183 -7.50 -36.25 2.80
C PRO B 183 -7.86 -35.70 4.17
N GLY B 184 -7.12 -34.70 4.60
CA GLY B 184 -7.25 -34.17 5.94
C GLY B 184 -6.22 -34.67 6.92
N VAL B 185 -5.59 -35.81 6.64
CA VAL B 185 -4.48 -36.30 7.45
C VAL B 185 -3.20 -35.80 6.78
N GLY B 186 -2.67 -34.70 7.29
CA GLY B 186 -1.52 -34.05 6.72
C GLY B 186 -0.23 -34.43 7.41
N LYS B 187 0.79 -33.60 7.18
CA LYS B 187 2.15 -33.87 7.64
C LYS B 187 2.20 -34.09 9.14
N VAL B 188 1.62 -33.15 9.90
CA VAL B 188 1.74 -33.16 11.35
C VAL B 188 0.90 -34.28 11.96
N SER B 189 -0.32 -34.48 11.45
CA SER B 189 -1.16 -35.57 11.93
C SER B 189 -0.50 -36.91 11.65
N ALA B 190 0.00 -37.12 10.43
CA ALA B 190 0.56 -38.41 10.08
C ALA B 190 1.72 -38.77 11.01
N ALA B 191 2.58 -37.78 11.31
CA ALA B 191 3.78 -38.05 12.09
C ALA B 191 3.46 -38.36 13.56
N LYS B 192 2.51 -37.63 14.15
CA LYS B 192 2.15 -37.90 15.53
C LYS B 192 1.43 -39.25 15.67
N LEU B 193 0.79 -39.72 14.60
CA LEU B 193 0.22 -41.06 14.59
C LEU B 193 1.31 -42.12 14.48
N GLU B 194 2.27 -41.91 13.56
CA GLU B 194 3.45 -42.78 13.50
C GLU B 194 4.13 -42.86 14.86
N ALA B 195 4.23 -41.73 15.55
CA ALA B 195 4.88 -41.71 16.86
C ALA B 195 4.18 -42.63 17.84
N MET B 196 2.88 -42.88 17.68
CA MET B 196 2.20 -43.86 18.50
C MET B 196 1.94 -45.18 17.76
N GLY B 197 2.76 -45.50 16.76
CA GLY B 197 2.67 -46.78 16.08
C GLY B 197 1.49 -46.96 15.16
N LEU B 198 0.81 -45.89 14.77
CA LEU B 198 -0.36 -45.98 13.87
C LEU B 198 0.08 -45.50 12.49
N ARG B 199 0.09 -46.41 11.54
CA ARG B 199 0.46 -46.02 10.17
C ARG B 199 -0.68 -46.21 9.20
N THR B 200 -1.41 -47.31 9.30
CA THR B 200 -2.44 -47.67 8.33
C THR B 200 -3.83 -47.63 8.98
N CYS B 201 -4.85 -47.60 8.12
CA CYS B 201 -6.20 -47.77 8.64
C CYS B 201 -6.32 -49.08 9.39
N GLY B 202 -5.51 -50.08 9.03
CA GLY B 202 -5.52 -51.33 9.76
C GLY B 202 -5.17 -51.15 11.23
N ASP B 203 -4.10 -50.40 11.51
CA ASP B 203 -3.68 -50.16 12.89
C ASP B 203 -4.78 -49.45 13.70
N VAL B 204 -5.41 -48.42 13.12
CA VAL B 204 -6.41 -47.65 13.85
C VAL B 204 -7.63 -48.50 14.19
N GLN B 205 -7.98 -49.47 13.33
CA GLN B 205 -9.09 -50.37 13.65
C GLN B 205 -8.88 -51.08 14.98
N LYS B 206 -7.64 -51.33 15.38
CA LYS B 206 -7.38 -52.00 16.65
C LYS B 206 -7.48 -51.06 17.84
N CYS B 207 -7.73 -49.77 17.62
CA CYS B 207 -7.65 -48.79 18.68
C CYS B 207 -9.01 -48.54 19.33
N ASP B 208 -8.96 -48.26 20.63
CA ASP B 208 -10.14 -47.80 21.35
C ASP B 208 -10.57 -46.42 20.86
N LEU B 209 -11.84 -46.28 20.48
CA LEU B 209 -12.36 -44.98 20.06
C LEU B 209 -12.20 -43.92 21.15
N VAL B 210 -12.35 -44.29 22.43
CA VAL B 210 -12.23 -43.30 23.50
C VAL B 210 -10.81 -42.76 23.57
N MET B 211 -9.81 -43.62 23.34
CA MET B 211 -8.43 -43.14 23.28
C MET B 211 -8.26 -42.10 22.18
N LEU B 212 -8.79 -42.40 20.97
CA LEU B 212 -8.66 -41.48 19.83
C LEU B 212 -9.33 -40.14 20.11
N LEU B 213 -10.47 -40.16 20.82
CA LEU B 213 -11.07 -38.90 21.24
C LEU B 213 -10.17 -38.17 22.23
N LYS B 214 -9.55 -38.92 23.14
CA LYS B 214 -8.68 -38.30 24.13
C LYS B 214 -7.51 -37.60 23.47
N ARG B 215 -6.81 -38.30 22.60
CA ARG B 215 -5.58 -37.79 22.00
C ARG B 215 -5.81 -36.95 20.74
N PHE B 216 -7.06 -36.81 20.28
CA PHE B 216 -7.27 -36.14 19.00
C PHE B 216 -8.55 -35.32 18.93
N GLY B 217 -9.47 -35.53 19.86
CA GLY B 217 -10.73 -34.78 19.80
C GLY B 217 -11.57 -35.22 18.63
N LYS B 218 -12.19 -34.25 17.96
CA LYS B 218 -13.08 -34.58 16.84
C LYS B 218 -12.35 -35.36 15.77
N PHE B 219 -11.13 -34.93 15.44
CA PHE B 219 -10.28 -35.64 14.49
C PHE B 219 -10.15 -37.12 14.86
N GLY B 220 -10.10 -37.43 16.16
CA GLY B 220 -10.09 -38.81 16.58
C GLY B 220 -11.31 -39.60 16.13
N ARG B 221 -12.49 -38.99 16.18
CA ARG B 221 -13.68 -39.68 15.69
C ARG B 221 -13.60 -39.86 14.18
N ILE B 222 -13.21 -38.81 13.46
CA ILE B 222 -13.05 -38.90 12.01
C ILE B 222 -12.07 -40.01 11.65
N LEU B 223 -10.93 -40.04 12.34
CA LEU B 223 -9.93 -41.07 12.10
C LEU B 223 -10.49 -42.45 12.42
N TRP B 224 -11.32 -42.54 13.46
CA TRP B 224 -11.94 -43.83 13.79
C TRP B 224 -12.94 -44.25 12.73
N GLU B 225 -13.72 -43.30 12.20
CA GLU B 225 -14.71 -43.64 11.19
C GLU B 225 -14.04 -44.02 9.88
N ARG B 226 -13.15 -43.16 9.38
CA ARG B 226 -12.59 -43.36 8.05
C ARG B 226 -11.83 -44.69 7.98
N SER B 227 -11.09 -45.04 9.04
CA SER B 227 -10.30 -46.26 8.96
C SER B 227 -11.16 -47.52 9.00
N GLN B 228 -12.49 -47.37 9.05
CA GLN B 228 -13.43 -48.45 8.83
C GLN B 228 -14.21 -48.32 7.54
N GLY B 229 -13.91 -47.30 6.73
CA GLY B 229 -14.72 -47.04 5.56
C GLY B 229 -16.01 -46.29 5.82
N ILE B 230 -16.20 -45.76 7.03
CA ILE B 230 -17.37 -44.94 7.32
C ILE B 230 -17.07 -43.49 6.93
N ASP B 231 -17.97 -42.90 6.14
CA ASP B 231 -17.83 -41.51 5.69
C ASP B 231 -19.18 -41.09 5.10
N GLU B 232 -20.04 -40.54 5.96
CA GLU B 232 -21.40 -40.18 5.59
C GLU B 232 -21.51 -38.75 5.07
N ARG B 233 -20.39 -38.09 4.78
CA ARG B 233 -20.47 -36.75 4.19
C ARG B 233 -21.22 -36.80 2.86
N ASP B 234 -22.36 -36.13 2.81
CA ASP B 234 -23.17 -36.08 1.60
C ASP B 234 -22.56 -35.12 0.58
N VAL B 235 -22.57 -35.52 -0.69
CA VAL B 235 -22.17 -34.60 -1.76
C VAL B 235 -23.06 -33.37 -1.70
N ASN B 236 -22.46 -32.20 -1.56
CA ASN B 236 -23.16 -30.95 -1.32
C ASN B 236 -22.97 -30.00 -2.51
N SER B 237 -24.03 -29.79 -3.27
CA SER B 237 -23.99 -28.91 -4.43
C SER B 237 -24.30 -27.45 -4.09
N GLU B 238 -24.46 -27.13 -2.81
CA GLU B 238 -24.98 -25.81 -2.41
C GLU B 238 -24.00 -25.05 -1.55
N ARG B 239 -22.70 -25.33 -1.68
CA ARG B 239 -21.69 -24.63 -0.91
C ARG B 239 -21.44 -23.25 -1.51
N LEU B 240 -21.11 -22.31 -0.64
CA LEU B 240 -20.85 -20.93 -1.04
C LEU B 240 -19.62 -20.43 -0.33
N ARG B 241 -18.83 -19.62 -1.04
CA ARG B 241 -17.67 -18.95 -0.49
C ARG B 241 -18.03 -18.14 0.76
N LYS B 242 -17.22 -18.28 1.82
CA LYS B 242 -17.45 -17.53 3.06
C LYS B 242 -16.45 -16.41 3.32
N SER B 243 -15.39 -16.29 2.53
CA SER B 243 -14.43 -15.22 2.77
C SER B 243 -13.74 -14.84 1.46
N VAL B 244 -13.12 -13.66 1.47
CA VAL B 244 -12.33 -13.15 0.35
C VAL B 244 -11.11 -12.47 0.95
N GLY B 245 -10.00 -12.54 0.23
CA GLY B 245 -8.79 -11.89 0.69
C GLY B 245 -7.88 -11.59 -0.47
N VAL B 246 -7.02 -10.59 -0.27
CA VAL B 246 -5.96 -10.27 -1.20
C VAL B 246 -4.68 -10.08 -0.39
N GLU B 247 -3.57 -10.62 -0.89
CA GLU B 247 -2.30 -10.55 -0.17
C GLU B 247 -1.13 -10.71 -1.14
N ARG B 248 -0.02 -10.01 -0.85
CA ARG B 248 1.19 -10.15 -1.64
C ARG B 248 2.41 -10.30 -0.75
N THR B 249 3.28 -11.23 -1.13
CA THR B 249 4.63 -11.27 -0.61
C THR B 249 5.48 -10.34 -1.48
N MET B 250 6.22 -9.43 -0.83
CA MET B 250 7.09 -8.51 -1.56
C MET B 250 8.44 -9.14 -1.85
N ALA B 251 9.08 -8.67 -2.93
CA ALA B 251 10.41 -9.16 -3.25
C ALA B 251 11.42 -8.84 -2.15
N GLU B 252 11.16 -7.80 -1.37
CA GLU B 252 12.05 -7.37 -0.30
C GLU B 252 11.22 -7.10 0.95
N ASP B 253 11.77 -7.41 2.12
CA ASP B 253 11.10 -7.09 3.38
C ASP B 253 10.97 -5.59 3.57
N ILE B 254 9.78 -5.14 4.00
CA ILE B 254 9.61 -3.73 4.32
C ILE B 254 9.91 -3.49 5.80
N HIS B 255 10.23 -2.25 6.13
CA HIS B 255 10.58 -1.86 7.50
C HIS B 255 9.98 -0.52 7.91
N HIS B 256 9.33 0.20 7.01
CA HIS B 256 8.70 1.48 7.27
C HIS B 256 7.18 1.35 7.15
N TRP B 257 6.47 1.98 8.08
CA TRP B 257 5.01 1.97 8.04
C TRP B 257 4.47 2.56 6.75
N SER B 258 5.14 3.61 6.22
CA SER B 258 4.73 4.19 4.94
C SER B 258 4.71 3.15 3.82
N GLU B 259 5.56 2.13 3.90
CA GLU B 259 5.54 1.08 2.89
C GLU B 259 4.36 0.15 3.09
N CYS B 260 4.07 -0.17 4.35
CA CYS B 260 2.91 -1.02 4.64
C CYS B 260 1.63 -0.37 4.11
N GLU B 261 1.42 0.90 4.44
CA GLU B 261 0.24 1.60 3.97
C GLU B 261 0.23 1.72 2.46
N ALA B 262 1.39 1.96 1.86
CA ALA B 262 1.43 2.07 0.40
C ALA B 262 0.96 0.77 -0.25
N ILE B 263 1.38 -0.37 0.29
CA ILE B 263 0.95 -1.66 -0.23
C ILE B 263 -0.53 -1.88 0.02
N ILE B 264 -1.05 -1.41 1.16
CA ILE B 264 -2.49 -1.51 1.41
C ILE B 264 -3.27 -0.73 0.35
N GLU B 265 -2.80 0.48 0.00
CA GLU B 265 -3.47 1.25 -1.04
C GLU B 265 -3.54 0.47 -2.34
N ARG B 266 -2.49 -0.31 -2.67
CA ARG B 266 -2.49 -1.11 -3.88
C ARG B 266 -3.37 -2.34 -3.76
N LEU B 267 -3.50 -2.88 -2.55
CA LEU B 267 -4.28 -4.11 -2.41
C LEU B 267 -5.77 -3.84 -2.38
N TYR B 268 -6.20 -2.67 -1.89
CA TYR B 268 -7.61 -2.45 -1.62
C TYR B 268 -8.49 -2.44 -2.87
N PRO B 269 -8.08 -1.83 -4.00
CA PRO B 269 -8.97 -1.86 -5.18
C PRO B 269 -9.24 -3.26 -5.67
N GLU B 270 -8.22 -4.13 -5.68
CA GLU B 270 -8.44 -5.52 -6.03
C GLU B 270 -9.45 -6.20 -5.09
N LEU B 271 -9.29 -6.01 -3.78
CA LEU B 271 -10.23 -6.64 -2.86
C LEU B 271 -11.64 -6.10 -3.10
N GLU B 272 -11.78 -4.82 -3.47
CA GLU B 272 -13.11 -4.27 -3.70
C GLU B 272 -13.75 -4.87 -4.97
N ARG B 273 -12.95 -5.05 -6.03
CA ARG B 273 -13.45 -5.70 -7.24
C ARG B 273 -14.02 -7.07 -6.91
N ARG B 274 -13.24 -7.88 -6.19
CA ARG B 274 -13.59 -9.28 -6.01
C ARG B 274 -14.80 -9.45 -5.13
N LEU B 275 -14.90 -8.64 -4.07
CA LEU B 275 -16.06 -8.70 -3.20
C LEU B 275 -17.31 -8.22 -3.94
N ALA B 276 -17.15 -7.32 -4.91
CA ALA B 276 -18.29 -6.77 -5.64
C ALA B 276 -18.92 -7.77 -6.59
N LYS B 277 -18.12 -8.67 -7.14
CA LYS B 277 -18.68 -9.69 -8.02
C LYS B 277 -19.64 -10.60 -7.27
N VAL B 278 -19.37 -10.87 -5.99
CA VAL B 278 -20.19 -11.79 -5.21
C VAL B 278 -21.08 -11.08 -4.18
N LYS B 279 -20.79 -9.83 -3.83
CA LYS B 279 -21.72 -9.01 -3.06
C LYS B 279 -21.62 -7.58 -3.58
N PRO B 280 -22.43 -7.22 -4.57
CA PRO B 280 -22.36 -5.86 -5.14
C PRO B 280 -22.32 -4.71 -4.14
N ASP B 281 -23.13 -4.77 -3.06
CA ASP B 281 -23.22 -3.67 -2.11
C ASP B 281 -22.12 -3.67 -1.04
N LEU B 282 -21.17 -4.61 -1.10
CA LEU B 282 -19.96 -4.65 -0.28
C LEU B 282 -20.24 -4.83 1.22
N LEU B 283 -21.44 -5.27 1.59
CA LEU B 283 -21.77 -5.48 3.01
C LEU B 283 -21.24 -6.84 3.49
N ILE B 284 -20.64 -6.86 4.70
CA ILE B 284 -19.85 -7.98 5.19
C ILE B 284 -20.06 -8.13 6.70
N ALA B 285 -19.48 -9.20 7.26
CA ALA B 285 -19.54 -9.50 8.69
C ALA B 285 -18.30 -9.00 9.44
N ARG B 286 -17.11 -9.32 8.93
CA ARG B 286 -15.84 -8.90 9.51
C ARG B 286 -14.90 -8.47 8.38
N GLN B 287 -13.87 -7.72 8.75
CA GLN B 287 -12.80 -7.36 7.83
C GLN B 287 -11.54 -7.16 8.64
N GLY B 288 -10.39 -7.25 7.97
CA GLY B 288 -9.14 -7.14 8.70
C GLY B 288 -7.94 -7.31 7.79
N VAL B 289 -6.77 -7.50 8.42
CA VAL B 289 -5.48 -7.48 7.75
C VAL B 289 -4.64 -8.68 8.18
N LYS B 290 -3.58 -8.95 7.41
CA LYS B 290 -2.61 -9.98 7.73
C LYS B 290 -1.20 -9.47 7.50
N LEU B 291 -0.31 -9.67 8.47
CA LEU B 291 1.12 -9.40 8.33
C LEU B 291 1.89 -10.70 8.56
N LYS B 292 2.85 -11.00 7.68
CA LYS B 292 3.79 -12.09 7.90
C LYS B 292 5.20 -11.51 7.98
N PHE B 293 5.95 -11.90 9.00
CA PHE B 293 7.24 -11.30 9.28
C PHE B 293 8.38 -12.15 8.73
N ASP B 294 9.59 -11.60 8.84
CA ASP B 294 10.75 -12.20 8.18
C ASP B 294 11.11 -13.56 8.73
N ASP B 295 10.71 -13.89 9.95
CA ASP B 295 10.86 -15.20 10.55
C ASP B 295 9.72 -16.16 10.19
N PHE B 296 8.88 -15.77 9.24
CA PHE B 296 7.71 -16.50 8.76
C PHE B 296 6.61 -16.64 9.81
N GLN B 297 6.73 -15.98 10.95
CA GLN B 297 5.59 -15.88 11.86
C GLN B 297 4.57 -14.93 11.24
N GLN B 298 3.29 -15.26 11.38
CA GLN B 298 2.27 -14.39 10.82
C GLN B 298 1.14 -14.14 11.81
N THR B 299 0.47 -13.01 11.60
CA THR B 299 -0.60 -12.57 12.49
C THR B 299 -1.75 -12.00 11.66
N THR B 300 -2.98 -12.24 12.15
CA THR B 300 -4.20 -11.70 11.59
C THR B 300 -4.93 -10.88 12.65
N GLN B 301 -5.49 -9.75 12.24
CA GLN B 301 -6.21 -8.85 13.13
C GLN B 301 -7.47 -8.41 12.40
N GLU B 302 -8.61 -8.97 12.80
CA GLU B 302 -9.89 -8.78 12.12
C GLU B 302 -10.96 -8.47 13.16
N HIS B 303 -12.00 -7.76 12.73
CA HIS B 303 -13.04 -7.35 13.68
C HIS B 303 -14.39 -7.27 12.97
N VAL B 304 -15.46 -7.47 13.76
CA VAL B 304 -16.83 -7.17 13.33
C VAL B 304 -16.84 -5.82 12.65
N TRP B 305 -17.40 -5.76 11.43
CA TRP B 305 -17.43 -4.54 10.64
C TRP B 305 -18.47 -4.72 9.53
N PRO B 306 -19.35 -3.74 9.30
CA PRO B 306 -20.54 -4.00 8.47
C PRO B 306 -20.31 -3.88 6.97
N ARG B 307 -19.19 -3.32 6.54
CA ARG B 307 -19.03 -3.00 5.13
C ARG B 307 -17.55 -2.74 4.85
N LEU B 308 -17.06 -3.25 3.73
CA LEU B 308 -15.67 -3.06 3.31
C LEU B 308 -15.28 -1.59 3.40
N ASN B 309 -14.09 -1.31 3.96
CA ASN B 309 -13.73 0.08 4.30
C ASN B 309 -12.22 0.26 4.34
N LYS B 310 -11.66 1.01 3.38
CA LYS B 310 -10.21 1.16 3.30
C LYS B 310 -9.65 1.92 4.50
N ALA B 311 -10.37 2.95 4.98
CA ALA B 311 -9.87 3.70 6.13
C ALA B 311 -9.75 2.82 7.36
N ASP B 312 -10.74 1.94 7.61
CA ASP B 312 -10.68 1.05 8.77
C ASP B 312 -9.61 -0.03 8.60
N LEU B 313 -9.43 -0.56 7.39
CA LEU B 313 -8.35 -1.52 7.17
C LEU B 313 -6.99 -0.93 7.50
N ILE B 314 -6.72 0.30 7.04
CA ILE B 314 -5.43 0.94 7.29
C ILE B 314 -5.23 1.17 8.78
N ALA B 315 -6.25 1.72 9.44
CA ALA B 315 -6.17 1.94 10.88
C ALA B 315 -5.94 0.64 11.64
N THR B 316 -6.56 -0.45 11.19
CA THR B 316 -6.30 -1.75 11.80
C THR B 316 -4.85 -2.17 11.58
N ALA B 317 -4.38 -2.04 10.33
CA ALA B 317 -2.98 -2.39 10.04
C ALA B 317 -2.01 -1.54 10.84
N ARG B 318 -2.33 -0.26 11.09
CA ARG B 318 -1.41 0.55 11.89
C ARG B 318 -1.27 -0.02 13.29
N LYS B 319 -2.37 -0.56 13.83
CA LYS B 319 -2.31 -1.19 15.14
C LYS B 319 -1.57 -2.51 15.10
N THR B 320 -1.76 -3.31 14.04
CA THR B 320 -0.99 -4.54 13.90
C THR B 320 0.50 -4.24 13.77
N TRP B 321 0.86 -3.32 12.86
CA TRP B 321 2.24 -2.92 12.68
C TRP B 321 2.85 -2.42 13.98
N ASP B 322 2.11 -1.59 14.72
CA ASP B 322 2.67 -0.97 15.91
C ASP B 322 2.84 -1.98 17.04
N GLU B 323 1.88 -2.90 17.19
CA GLU B 323 1.78 -3.71 18.41
C GLU B 323 2.33 -5.13 18.27
N ARG B 324 2.20 -5.79 17.11
CA ARG B 324 2.66 -7.16 16.94
C ARG B 324 3.92 -7.33 16.09
N ARG B 325 4.42 -6.26 15.47
CA ARG B 325 5.58 -6.41 14.60
C ARG B 325 6.85 -6.69 15.40
N GLY B 326 7.03 -6.01 16.52
CA GLY B 326 8.21 -6.28 17.31
C GLY B 326 9.53 -5.88 16.68
N GLY B 327 9.49 -4.98 15.69
CA GLY B 327 10.70 -4.55 15.05
C GLY B 327 11.17 -5.45 13.94
N ARG B 328 10.42 -6.50 13.64
CA ARG B 328 10.78 -7.37 12.53
C ARG B 328 10.38 -6.74 11.21
N GLY B 329 11.08 -7.14 10.16
CA GLY B 329 10.63 -6.85 8.82
C GLY B 329 9.39 -7.63 8.47
N VAL B 330 8.63 -7.07 7.53
CA VAL B 330 7.42 -7.70 7.02
C VAL B 330 7.66 -8.17 5.60
N ARG B 331 7.33 -9.44 5.31
CA ARG B 331 7.47 -9.98 3.97
C ARG B 331 6.15 -10.08 3.22
N LEU B 332 5.01 -10.01 3.93
CA LEU B 332 3.70 -10.18 3.32
C LEU B 332 2.70 -9.24 3.97
N VAL B 333 1.86 -8.61 3.15
CA VAL B 333 0.75 -7.81 3.64
C VAL B 333 -0.54 -8.33 3.02
N GLY B 334 -1.59 -8.43 3.83
CA GLY B 334 -2.84 -8.97 3.34
C GLY B 334 -4.09 -8.27 3.85
N LEU B 335 -5.13 -8.19 3.01
CA LEU B 335 -6.44 -7.69 3.41
C LEU B 335 -7.44 -8.84 3.38
N HIS B 336 -8.48 -8.75 4.21
CA HIS B 336 -9.36 -9.90 4.40
C HIS B 336 -10.77 -9.46 4.81
N VAL B 337 -11.74 -10.27 4.41
CA VAL B 337 -13.14 -10.01 4.61
C VAL B 337 -13.80 -11.35 4.89
N THR B 338 -14.79 -11.36 5.79
CA THR B 338 -15.57 -12.57 5.97
C THR B 338 -17.04 -12.24 5.75
N LEU B 339 -17.68 -13.02 4.88
CA LEU B 339 -19.02 -12.69 4.40
C LEU B 339 -20.07 -12.94 5.49
N LEU B 340 -21.28 -12.44 5.22
CA LEU B 340 -22.45 -12.65 6.04
C LEU B 340 -23.00 -14.06 5.83
N ASP B 341 -23.83 -14.53 6.79
CA ASP B 341 -24.21 -15.94 6.93
C ASP B 341 -25.25 -16.42 5.92
N PRO B 342 -26.50 -15.91 5.91
CA PRO B 342 -27.41 -16.57 4.96
C PRO B 342 -27.59 -15.78 3.67
#